data_9IVH
#
_entry.id   9IVH
#
_cell.length_a   66.615
_cell.length_b   78.586
_cell.length_c   91.541
_cell.angle_alpha   96.96
_cell.angle_beta   108.42
_cell.angle_gamma   113.07
#
_symmetry.space_group_name_H-M   'P 1'
#
loop_
_entity.id
_entity.type
_entity.pdbx_description
1 polymer 'Branched-chain amino acid transferase'
2 non-polymer propan-2-amine
3 water water
#
_entity_poly.entity_id   1
_entity_poly.type   'polypeptide(L)'
_entity_poly.pdbx_seq_one_letter_code
;PGAIREDTPPGSVIQYSDYELDHSSPFAGGVAWIEGEFLPAEDAKISIFDTGFGHSDLTYTVAHVWHGNIFRLGDHLDRL
LDGARKLRLDAGYTKDELADITKQCVSMSQLRESFVNLTVTRGYGKRRGEKDLSKLTHQVYIYAIPYLWAFPPAEQIFGT
TAIVPRHVRRAGRNTVDPTI(LLP)NYQWGDLTAASFEAKDRGARTAILLDSDNCVAEGPGFNVCIVKDGKLASPSRNAL
PGITRKTVFEIADQMGIEATLRDVTSHELYDADELMAVTTAGGVTPINSLDGEAIGNGAPGPMTVAIRDRFWALMDEPGP
LIEAIEY
;
_entity_poly.pdbx_strand_id   A,B,C,D
#
# COMPACT_ATOMS: atom_id res chain seq x y z
N ILE A 4 31.92 -24.41 16.20
CA ILE A 4 32.14 -23.78 17.49
C ILE A 4 32.66 -22.34 17.31
N ARG A 5 33.52 -22.12 16.32
CA ARG A 5 34.07 -20.79 16.07
C ARG A 5 34.43 -20.67 14.61
N GLU A 6 34.62 -19.43 14.16
CA GLU A 6 35.16 -19.16 12.84
C GLU A 6 36.13 -17.99 12.93
N ASP A 7 36.87 -17.78 11.84
CA ASP A 7 37.86 -16.72 11.82
C ASP A 7 37.20 -15.35 11.93
N THR A 8 37.83 -14.48 12.71
CA THR A 8 37.46 -13.08 12.84
C THR A 8 38.71 -12.26 12.57
N PRO A 9 38.56 -11.03 12.09
CA PRO A 9 39.73 -10.22 11.75
C PRO A 9 40.64 -10.04 12.94
N PRO A 10 41.93 -10.31 12.77
CA PRO A 10 42.87 -10.26 13.90
C PRO A 10 42.97 -8.87 14.50
N GLY A 11 42.96 -8.82 15.83
CA GLY A 11 43.07 -7.56 16.53
C GLY A 11 41.81 -6.73 16.57
N SER A 12 40.74 -7.17 15.93
CA SER A 12 39.46 -6.47 15.94
C SER A 12 38.70 -6.77 17.23
N VAL A 13 37.66 -5.96 17.45
CA VAL A 13 36.83 -6.05 18.63
C VAL A 13 36.03 -7.34 18.73
N ILE A 14 36.00 -8.16 17.68
CA ILE A 14 35.21 -9.38 17.67
C ILE A 14 36.17 -10.55 17.77
N GLN A 15 36.17 -11.24 18.91
CA GLN A 15 37.06 -12.38 19.08
C GLN A 15 36.32 -13.48 19.83
N TYR A 16 36.33 -14.68 19.27
CA TYR A 16 35.74 -15.82 19.96
C TYR A 16 36.53 -16.17 21.23
N SER A 17 35.91 -16.99 22.06
CA SER A 17 36.61 -17.49 23.24
C SER A 17 37.59 -18.59 22.83
N ASP A 18 38.50 -18.89 23.74
CA ASP A 18 39.55 -19.88 23.51
C ASP A 18 39.28 -21.00 24.50
N TYR A 19 38.77 -22.12 23.99
CA TYR A 19 38.30 -23.22 24.81
C TYR A 19 37.92 -24.36 23.88
N GLU A 20 37.60 -25.51 24.47
CA GLU A 20 37.26 -26.71 23.71
C GLU A 20 35.99 -27.35 24.25
N LEU A 21 35.31 -28.07 23.38
CA LEU A 21 34.10 -28.79 23.76
C LEU A 21 34.44 -30.12 24.43
N ASP A 22 33.67 -30.46 25.47
CA ASP A 22 33.78 -31.77 26.13
C ASP A 22 32.86 -32.73 25.41
N HIS A 23 33.41 -33.44 24.43
CA HIS A 23 32.62 -34.31 23.57
C HIS A 23 32.19 -35.62 24.24
N SER A 24 32.46 -35.80 25.52
CA SER A 24 31.88 -36.93 26.22
C SER A 24 30.38 -36.76 26.32
N SER A 25 29.92 -35.52 26.50
CA SER A 25 28.51 -35.21 26.59
C SER A 25 27.87 -35.13 25.21
N PRO A 26 26.69 -35.72 25.03
CA PRO A 26 25.97 -35.54 23.77
C PRO A 26 25.44 -34.13 23.59
N PHE A 27 25.33 -33.35 24.69
CA PHE A 27 24.85 -31.98 24.63
C PHE A 27 25.88 -31.01 24.07
N ALA A 28 27.17 -31.37 24.07
CA ALA A 28 28.23 -30.45 23.68
C ALA A 28 28.02 -29.92 22.27
N GLY A 29 27.97 -28.59 22.14
CA GLY A 29 27.84 -27.97 20.84
C GLY A 29 26.44 -27.54 20.43
N GLY A 30 25.41 -28.02 21.11
CA GLY A 30 24.04 -27.61 20.80
C GLY A 30 22.97 -28.30 21.62
N VAL A 31 22.09 -27.51 22.25
CA VAL A 31 21.05 -28.01 23.14
C VAL A 31 19.70 -27.43 22.74
N ALA A 32 18.69 -28.29 22.65
CA ALA A 32 17.31 -27.89 22.39
C ALA A 32 16.41 -28.33 23.52
N TRP A 33 15.52 -27.45 23.93
CA TRP A 33 14.53 -27.76 24.94
C TRP A 33 13.19 -27.83 24.21
N ILE A 34 12.68 -29.05 24.03
CA ILE A 34 11.48 -29.28 23.25
C ILE A 34 10.55 -30.18 24.05
N GLU A 35 9.32 -29.72 24.24
CA GLU A 35 8.28 -30.48 24.93
C GLU A 35 8.72 -30.87 26.33
N GLY A 36 9.38 -29.93 27.01
CA GLY A 36 9.78 -30.09 28.39
C GLY A 36 11.10 -30.81 28.61
N GLU A 37 11.69 -31.40 27.58
CA GLU A 37 12.90 -32.21 27.72
C GLU A 37 14.06 -31.59 26.96
N PHE A 38 15.19 -31.42 27.64
CA PHE A 38 16.41 -30.98 26.97
C PHE A 38 16.91 -32.09 26.07
N LEU A 39 17.42 -31.73 24.91
CA LEU A 39 17.91 -32.68 23.92
C LEU A 39 19.20 -32.16 23.30
N PRO A 40 20.03 -33.04 22.75
CA PRO A 40 21.11 -32.58 21.87
C PRO A 40 20.50 -31.94 20.63
N ALA A 41 21.15 -30.87 20.15
CA ALA A 41 20.59 -30.13 19.04
C ALA A 41 20.40 -31.01 17.82
N GLU A 42 21.25 -32.03 17.65
CA GLU A 42 21.11 -32.95 16.52
C GLU A 42 19.76 -33.64 16.48
N ASP A 43 19.15 -33.89 17.62
CA ASP A 43 17.89 -34.62 17.70
C ASP A 43 16.68 -33.70 17.82
N ALA A 44 16.88 -32.38 17.80
CA ALA A 44 15.80 -31.43 17.97
C ALA A 44 14.79 -31.53 16.84
N LYS A 45 13.58 -31.99 17.15
CA LYS A 45 12.51 -32.16 16.19
C LYS A 45 11.21 -31.68 16.80
N ILE A 46 10.31 -31.18 15.95
CA ILE A 46 8.97 -30.76 16.37
C ILE A 46 7.94 -31.43 15.48
N SER A 47 6.73 -31.55 16.01
CA SER A 47 5.67 -32.14 15.22
C SER A 47 5.48 -31.37 13.92
N ILE A 48 5.36 -32.08 12.80
CA ILE A 48 5.06 -31.41 11.54
C ILE A 48 3.71 -30.70 11.61
N PHE A 49 2.85 -31.09 12.54
CA PHE A 49 1.49 -30.55 12.65
C PHE A 49 1.40 -29.37 13.60
N ASP A 50 2.52 -28.93 14.17
CA ASP A 50 2.48 -27.69 14.92
C ASP A 50 2.03 -26.58 13.99
N THR A 51 1.01 -25.82 14.39
CA THR A 51 0.59 -24.72 13.52
C THR A 51 1.65 -23.62 13.46
N GLY A 52 2.61 -23.62 14.38
CA GLY A 52 3.80 -22.83 14.19
C GLY A 52 4.52 -23.14 12.90
N PHE A 53 4.33 -24.34 12.35
CA PHE A 53 4.80 -24.69 11.01
C PHE A 53 3.75 -24.32 9.96
N GLY A 54 2.58 -24.97 10.01
CA GLY A 54 1.59 -24.85 8.95
C GLY A 54 0.99 -23.45 8.78
N HIS A 55 0.90 -22.68 9.86
CA HIS A 55 0.41 -21.31 9.76
C HIS A 55 1.46 -20.29 10.16
N SER A 56 2.70 -20.72 10.38
CA SER A 56 3.75 -19.86 10.93
C SER A 56 3.18 -19.06 12.10
N ASP A 57 2.29 -19.70 12.87
CA ASP A 57 1.54 -19.04 13.92
C ASP A 57 2.40 -19.02 15.19
N LEU A 58 3.32 -18.07 15.23
CA LEU A 58 4.34 -18.08 16.26
C LEU A 58 4.96 -16.70 16.39
N THR A 59 5.69 -16.55 17.48
CA THR A 59 6.67 -15.49 17.62
C THR A 59 7.91 -16.09 18.26
N TYR A 60 8.98 -15.31 18.26
CA TYR A 60 10.24 -15.82 18.78
C TYR A 60 11.16 -14.65 19.09
N THR A 61 12.25 -14.97 19.77
CA THR A 61 13.32 -14.02 19.96
C THR A 61 14.63 -14.80 19.89
N VAL A 62 15.70 -14.05 19.66
CA VAL A 62 17.04 -14.59 19.62
C VAL A 62 17.89 -13.73 20.53
N ALA A 63 18.50 -14.35 21.53
CA ALA A 63 19.51 -13.65 22.30
C ALA A 63 20.84 -14.30 21.96
N HIS A 64 21.93 -13.54 22.06
CA HIS A 64 23.23 -14.10 21.76
C HIS A 64 23.99 -14.27 23.07
N VAL A 65 24.89 -15.26 23.08
CA VAL A 65 25.84 -15.44 24.16
C VAL A 65 27.23 -15.14 23.61
N TRP A 66 27.95 -14.27 24.29
CA TRP A 66 29.31 -13.95 23.88
C TRP A 66 30.21 -14.05 25.09
N HIS A 67 31.31 -14.80 24.95
CA HIS A 67 32.28 -14.99 26.03
C HIS A 67 31.60 -15.49 27.31
N GLY A 68 30.65 -16.40 27.14
CA GLY A 68 29.90 -16.97 28.24
C GLY A 68 28.88 -16.06 28.88
N ASN A 69 28.65 -14.87 28.34
CA ASN A 69 27.69 -13.90 28.88
C ASN A 69 26.50 -13.79 27.94
N ILE A 70 25.30 -13.95 28.50
CA ILE A 70 24.07 -13.76 27.72
C ILE A 70 23.65 -12.30 27.81
N PHE A 71 23.23 -11.74 26.68
CA PHE A 71 23.06 -10.29 26.53
C PHE A 71 21.58 -9.95 26.52
N ARG A 72 21.16 -9.19 27.54
CA ARG A 72 19.81 -8.60 27.66
C ARG A 72 18.73 -9.67 27.56
N LEU A 73 18.95 -10.80 28.25
CA LEU A 73 17.94 -11.86 28.22
C LEU A 73 16.62 -11.38 28.78
N GLY A 74 16.66 -10.50 29.79
CA GLY A 74 15.43 -9.97 30.34
C GLY A 74 14.65 -9.19 29.31
N ASP A 75 15.34 -8.34 28.54
CA ASP A 75 14.69 -7.60 27.47
C ASP A 75 14.12 -8.53 26.40
N HIS A 76 14.84 -9.61 26.09
CA HIS A 76 14.34 -10.54 25.08
C HIS A 76 13.11 -11.29 25.57
N LEU A 77 13.09 -11.67 26.84
CA LEU A 77 11.91 -12.35 27.37
C LEU A 77 10.71 -11.42 27.45
N ASP A 78 10.92 -10.17 27.85
CA ASP A 78 9.82 -9.20 27.80
C ASP A 78 9.27 -9.06 26.38
N ARG A 79 10.15 -8.88 25.39
CA ARG A 79 9.68 -8.72 24.01
C ARG A 79 8.97 -9.97 23.52
N LEU A 80 9.54 -11.13 23.80
CA LEU A 80 8.92 -12.40 23.43
C LEU A 80 7.54 -12.56 24.05
N LEU A 81 7.44 -12.26 25.35
CA LEU A 81 6.17 -12.46 26.04
C LEU A 81 5.15 -11.42 25.62
N ASP A 82 5.61 -10.19 25.39
CA ASP A 82 4.70 -9.15 24.90
C ASP A 82 4.14 -9.51 23.53
N GLY A 83 4.99 -9.96 22.60
CA GLY A 83 4.51 -10.35 21.29
C GLY A 83 3.62 -11.58 21.33
N ALA A 84 3.97 -12.56 22.16
CA ALA A 84 3.12 -13.74 22.28
C ALA A 84 1.73 -13.35 22.78
N ARG A 85 1.67 -12.41 23.72
CA ARG A 85 0.39 -11.91 24.19
C ARG A 85 -0.38 -11.22 23.06
N LYS A 86 0.31 -10.44 22.23
CA LYS A 86 -0.34 -9.79 21.08
C LYS A 86 -0.90 -10.83 20.11
N LEU A 87 -0.28 -12.01 20.05
CA LEU A 87 -0.75 -13.09 19.19
C LEU A 87 -1.70 -14.05 19.89
N ARG A 88 -2.13 -13.73 21.11
CA ARG A 88 -2.99 -14.59 21.93
C ARG A 88 -2.32 -15.94 22.18
N LEU A 89 -1.01 -15.91 22.36
CA LEU A 89 -0.24 -17.08 22.70
C LEU A 89 0.04 -17.03 24.20
N ASP A 90 -0.05 -18.19 24.85
CA ASP A 90 0.23 -18.34 26.27
C ASP A 90 1.41 -19.28 26.38
N ALA A 91 2.58 -18.74 26.77
CA ALA A 91 3.79 -19.55 26.82
C ALA A 91 3.67 -20.67 27.84
N GLY A 92 2.91 -20.47 28.91
CA GLY A 92 2.81 -21.43 29.99
C GLY A 92 3.93 -21.37 30.99
N TYR A 93 4.92 -20.48 30.80
CA TYR A 93 6.01 -20.29 31.73
C TYR A 93 6.14 -18.81 32.03
N THR A 94 6.59 -18.51 33.25
CA THR A 94 6.87 -17.13 33.57
C THR A 94 8.18 -16.73 32.89
N LYS A 95 8.43 -15.42 32.86
CA LYS A 95 9.68 -14.94 32.29
C LYS A 95 10.88 -15.55 33.04
N ASP A 96 10.86 -15.46 34.38
CA ASP A 96 11.92 -16.03 35.21
C ASP A 96 12.13 -17.50 34.93
N GLU A 97 11.03 -18.25 34.74
CA GLU A 97 11.16 -19.68 34.43
C GLU A 97 11.86 -19.89 33.10
N LEU A 98 11.48 -19.12 32.07
CA LEU A 98 12.11 -19.24 30.76
C LEU A 98 13.58 -18.83 30.81
N ALA A 99 13.90 -17.81 31.61
CA ALA A 99 15.30 -17.43 31.78
C ALA A 99 16.12 -18.59 32.30
N ASP A 100 15.63 -19.26 33.33
CA ASP A 100 16.35 -20.41 33.90
C ASP A 100 16.54 -21.51 32.86
N ILE A 101 15.46 -21.87 32.16
CA ILE A 101 15.54 -22.87 31.11
C ILE A 101 16.50 -22.44 30.01
N THR A 102 16.45 -21.17 29.62
CA THR A 102 17.36 -20.69 28.59
C THR A 102 18.79 -20.72 29.09
N LYS A 103 19.04 -20.16 30.27
CA LYS A 103 20.40 -20.18 30.80
C LYS A 103 20.89 -21.62 30.95
N GLN A 104 20.00 -22.53 31.34
CA GLN A 104 20.39 -23.94 31.41
C GLN A 104 20.71 -24.50 30.04
N CYS A 105 19.96 -24.08 29.01
CA CYS A 105 20.21 -24.55 27.66
C CYS A 105 21.63 -24.22 27.20
N VAL A 106 22.07 -22.99 27.46
CA VAL A 106 23.41 -22.61 27.06
C VAL A 106 24.45 -23.36 27.88
N SER A 107 24.27 -23.39 29.21
CA SER A 107 25.21 -24.07 30.08
C SER A 107 25.48 -25.49 29.61
N MET A 108 24.42 -26.27 29.42
CA MET A 108 24.61 -27.64 28.95
C MET A 108 25.23 -27.70 27.55
N SER A 109 25.03 -26.68 26.71
CA SER A 109 25.63 -26.70 25.38
C SER A 109 27.15 -26.56 25.45
N GLN A 110 27.65 -25.93 26.50
CA GLN A 110 29.05 -25.55 26.67
C GLN A 110 29.49 -24.45 25.71
N LEU A 111 28.59 -23.89 24.93
CA LEU A 111 28.97 -22.84 23.99
C LEU A 111 29.19 -21.56 24.74
N ARG A 112 30.39 -20.99 24.63
CA ARG A 112 30.66 -19.67 25.20
C ARG A 112 30.20 -18.55 24.26
N GLU A 113 30.13 -18.83 22.97
CA GLU A 113 29.53 -17.97 21.96
C GLU A 113 28.36 -18.74 21.38
N SER A 114 27.15 -18.19 21.51
CA SER A 114 25.99 -18.98 21.13
C SER A 114 24.90 -18.11 20.53
N PHE A 115 24.14 -18.71 19.61
CA PHE A 115 22.89 -18.17 19.07
C PHE A 115 21.74 -18.86 19.78
N VAL A 116 20.95 -18.11 20.55
CA VAL A 116 19.94 -18.66 21.44
C VAL A 116 18.56 -18.24 20.94
N ASN A 117 17.72 -19.20 20.61
CA ASN A 117 16.40 -18.95 20.06
C ASN A 117 15.32 -19.44 21.03
N LEU A 118 14.36 -18.57 21.32
CA LEU A 118 13.15 -18.97 22.04
C LEU A 118 11.95 -18.75 21.15
N THR A 119 11.22 -19.81 20.86
CA THR A 119 10.07 -19.77 19.97
C THR A 119 8.82 -20.19 20.70
N VAL A 120 7.75 -19.42 20.56
CA VAL A 120 6.44 -19.76 21.12
C VAL A 120 5.48 -19.91 19.95
N THR A 121 4.95 -21.11 19.77
CA THR A 121 4.02 -21.41 18.69
C THR A 121 2.65 -21.74 19.25
N ARG A 122 1.64 -21.65 18.39
CA ARG A 122 0.28 -22.02 18.74
C ARG A 122 0.14 -23.52 18.98
N GLY A 123 1.06 -24.33 18.48
CA GLY A 123 1.05 -25.73 18.83
C GLY A 123 0.11 -26.55 17.96
N TYR A 124 -0.27 -27.71 18.48
CA TYR A 124 -1.15 -28.64 17.77
C TYR A 124 -2.22 -29.13 18.73
N GLY A 125 -3.25 -29.76 18.17
CA GLY A 125 -4.35 -30.27 18.95
C GLY A 125 -4.06 -31.55 19.71
N LEU A 136 -6.15 -27.20 21.91
CA LEU A 136 -4.94 -26.61 21.33
C LEU A 136 -4.04 -26.03 22.44
N THR A 137 -2.88 -26.65 22.62
CA THR A 137 -1.93 -26.30 23.67
C THR A 137 -0.67 -25.70 23.03
N HIS A 138 -0.31 -24.51 23.46
CA HIS A 138 0.79 -23.77 22.85
C HIS A 138 2.14 -24.35 23.27
N GLN A 139 3.10 -24.26 22.37
CA GLN A 139 4.38 -24.93 22.52
C GLN A 139 5.49 -23.89 22.64
N VAL A 140 6.43 -24.16 23.52
CA VAL A 140 7.63 -23.35 23.68
C VAL A 140 8.81 -24.21 23.26
N TYR A 141 9.62 -23.68 22.34
CA TYR A 141 10.84 -24.35 21.92
C TYR A 141 12.00 -23.41 22.15
N ILE A 142 13.07 -23.93 22.74
CA ILE A 142 14.27 -23.15 22.99
C ILE A 142 15.44 -23.93 22.44
N TYR A 143 16.39 -23.22 21.86
CA TYR A 143 17.64 -23.89 21.56
C TYR A 143 18.79 -22.89 21.68
N ALA A 144 19.95 -23.44 22.00
CA ALA A 144 21.21 -22.69 22.02
C ALA A 144 22.19 -23.47 21.16
N ILE A 145 22.61 -22.88 20.06
CA ILE A 145 23.48 -23.53 19.08
C ILE A 145 24.67 -22.59 18.89
N PRO A 146 25.71 -22.97 18.12
CA PRO A 146 26.85 -22.08 17.94
C PRO A 146 26.47 -20.76 17.26
N TYR A 147 27.28 -19.73 17.53
CA TYR A 147 27.02 -18.38 17.04
C TYR A 147 26.80 -18.34 15.54
N LEU A 148 25.75 -17.63 15.15
CA LEU A 148 25.41 -17.41 13.75
C LEU A 148 25.57 -15.94 13.41
N TRP A 149 26.05 -15.66 12.21
CA TRP A 149 26.34 -14.30 11.79
C TRP A 149 25.37 -13.93 10.67
N ALA A 150 24.59 -12.87 10.88
CA ALA A 150 23.84 -12.29 9.76
C ALA A 150 24.79 -11.88 8.65
N PHE A 151 25.93 -11.28 9.02
CA PHE A 151 27.00 -10.99 8.09
C PHE A 151 28.27 -11.56 8.69
N PRO A 152 29.17 -12.09 7.86
CA PRO A 152 30.39 -12.70 8.39
C PRO A 152 31.16 -11.71 9.23
N PRO A 153 31.98 -12.19 10.17
CA PRO A 153 32.78 -11.27 10.98
C PRO A 153 33.60 -10.28 10.17
N ALA A 154 34.14 -10.70 9.03
CA ALA A 154 34.91 -9.79 8.19
C ALA A 154 34.08 -8.58 7.78
N GLU A 155 32.79 -8.80 7.53
CA GLU A 155 31.95 -7.70 7.13
C GLU A 155 31.49 -6.85 8.31
N GLN A 156 31.40 -7.43 9.51
CA GLN A 156 31.17 -6.60 10.69
C GLN A 156 32.29 -5.57 10.83
N ILE A 157 33.50 -5.92 10.42
CA ILE A 157 34.65 -5.04 10.61
C ILE A 157 34.82 -4.09 9.44
N PHE A 158 34.78 -4.62 8.22
CA PHE A 158 35.11 -3.89 7.01
C PHE A 158 33.87 -3.48 6.19
N GLY A 159 32.67 -3.80 6.66
CA GLY A 159 31.46 -3.34 6.04
C GLY A 159 30.94 -4.28 4.97
N THR A 160 29.65 -4.15 4.70
CA THR A 160 28.94 -4.96 3.73
C THR A 160 28.35 -4.05 2.65
N THR A 161 27.66 -4.66 1.68
CA THR A 161 27.04 -3.94 0.58
C THR A 161 25.54 -4.21 0.56
N ALA A 162 24.76 -3.22 0.13
CA ALA A 162 23.31 -3.40 0.11
C ALA A 162 22.72 -2.83 -1.18
N ILE A 163 21.54 -3.34 -1.53
CA ILE A 163 20.70 -2.75 -2.54
C ILE A 163 19.31 -2.53 -1.94
N VAL A 164 18.53 -1.66 -2.55
CA VAL A 164 17.10 -1.58 -2.29
C VAL A 164 16.39 -2.40 -3.35
N PRO A 165 15.52 -3.35 -2.97
CA PRO A 165 14.88 -4.21 -3.99
C PRO A 165 14.05 -3.42 -4.97
N ARG A 166 14.21 -3.72 -6.26
CA ARG A 166 13.33 -3.16 -7.27
C ARG A 166 11.94 -3.77 -7.20
N HIS A 167 11.85 -5.01 -6.70
CA HIS A 167 10.63 -5.79 -6.88
C HIS A 167 9.92 -6.14 -5.60
N VAL A 168 10.47 -5.81 -4.44
CA VAL A 168 9.98 -6.27 -3.15
C VAL A 168 9.83 -5.08 -2.23
N ARG A 169 8.83 -5.13 -1.38
CA ARG A 169 8.63 -4.23 -0.27
C ARG A 169 8.48 -5.03 1.02
N ARG A 170 8.72 -4.38 2.16
CA ARG A 170 8.47 -5.05 3.43
C ARG A 170 6.98 -5.10 3.66
N ALA A 171 6.49 -6.26 4.12
CA ALA A 171 5.09 -6.38 4.50
C ALA A 171 4.76 -5.36 5.58
N GLY A 172 3.57 -4.80 5.48
CA GLY A 172 3.16 -3.79 6.44
C GLY A 172 2.65 -4.37 7.73
N ARG A 173 2.58 -3.47 8.71
CA ARG A 173 2.12 -3.83 10.05
C ARG A 173 0.68 -4.32 10.05
N ASN A 174 -0.11 -3.99 9.03
CA ASN A 174 -1.48 -4.45 8.92
C ASN A 174 -1.62 -5.74 8.10
N THR A 175 -0.50 -6.34 7.68
CA THR A 175 -0.53 -7.60 6.96
C THR A 175 0.17 -8.63 7.83
N VAL A 176 1.39 -9.02 7.48
CA VAL A 176 2.22 -9.85 8.37
C VAL A 176 3.07 -8.88 9.17
N ASP A 177 2.65 -8.62 10.39
CA ASP A 177 3.15 -7.52 11.22
C ASP A 177 4.63 -7.66 11.52
N PRO A 178 5.48 -6.79 10.98
CA PRO A 178 6.92 -6.88 11.26
C PRO A 178 7.28 -6.46 12.70
N THR A 179 6.36 -5.87 13.47
CA THR A 179 6.70 -5.48 14.83
C THR A 179 6.61 -6.64 15.81
N ILE A 180 6.21 -7.81 15.37
CA ILE A 180 6.23 -9.00 16.18
C ILE A 180 7.23 -9.93 15.50
N ASN A 182 8.88 -12.66 13.82
CA ASN A 182 8.25 -13.84 13.21
C ASN A 182 9.10 -14.50 12.17
N TYR A 183 8.71 -15.74 11.83
CA TYR A 183 9.41 -16.57 10.88
C TYR A 183 8.91 -16.38 9.46
N GLN A 184 8.01 -15.42 9.23
CA GLN A 184 7.39 -15.28 7.92
C GLN A 184 8.27 -14.39 7.06
N TRP A 185 9.24 -14.99 6.35
CA TRP A 185 10.30 -14.25 5.67
C TRP A 185 10.06 -14.11 4.17
N GLY A 186 8.83 -14.31 3.71
CA GLY A 186 8.57 -14.34 2.28
C GLY A 186 9.16 -13.15 1.56
N ASP A 187 8.93 -11.94 2.09
CA ASP A 187 9.49 -10.73 1.48
C ASP A 187 10.97 -10.62 1.73
N LEU A 188 11.42 -10.96 2.95
CA LEU A 188 12.85 -10.90 3.27
C LEU A 188 13.66 -11.87 2.41
N THR A 189 13.17 -13.09 2.25
CA THR A 189 13.83 -14.05 1.37
C THR A 189 13.87 -13.54 -0.05
N ALA A 190 12.74 -13.05 -0.56
CA ALA A 190 12.73 -12.53 -1.91
C ALA A 190 13.72 -11.39 -2.06
N ALA A 191 13.79 -10.49 -1.06
CA ALA A 191 14.73 -9.38 -1.14
C ALA A 191 16.16 -9.87 -1.13
N SER A 192 16.46 -10.87 -0.29
CA SER A 192 17.81 -11.44 -0.26
C SER A 192 18.21 -12.02 -1.61
N PHE A 193 17.31 -12.77 -2.27
CA PHE A 193 17.64 -13.30 -3.59
C PHE A 193 17.91 -12.17 -4.58
N GLU A 194 17.08 -11.13 -4.54
CA GLU A 194 17.32 -10.00 -5.43
C GLU A 194 18.67 -9.37 -5.13
N ALA A 195 19.07 -9.30 -3.84
CA ALA A 195 20.40 -8.81 -3.52
C ALA A 195 21.50 -9.65 -4.16
N LYS A 196 21.44 -10.97 -3.96
CA LYS A 196 22.45 -11.86 -4.55
C LYS A 196 22.43 -11.77 -6.07
N ASP A 197 21.25 -11.74 -6.68
CA ASP A 197 21.16 -11.59 -8.13
C ASP A 197 21.92 -10.36 -8.61
N ARG A 198 21.91 -9.28 -7.81
CA ARG A 198 22.55 -8.04 -8.19
C ARG A 198 23.96 -7.93 -7.62
N GLY A 199 24.48 -8.99 -7.05
CA GLY A 199 25.82 -8.96 -6.58
C GLY A 199 26.06 -8.16 -5.34
N ALA A 200 25.02 -8.06 -4.55
CA ALA A 200 25.08 -7.41 -3.27
C ALA A 200 24.90 -8.40 -2.17
N ARG A 201 25.36 -8.09 -0.98
CA ARG A 201 25.23 -8.97 0.15
C ARG A 201 23.88 -8.99 0.76
N THR A 202 23.19 -7.86 0.72
CA THR A 202 21.93 -7.72 1.41
C THR A 202 21.03 -6.65 0.85
N ALA A 203 19.81 -6.61 1.35
CA ALA A 203 18.81 -5.68 0.92
C ALA A 203 18.29 -4.83 2.06
N ILE A 204 17.96 -3.59 1.78
CA ILE A 204 17.20 -2.74 2.68
C ILE A 204 15.82 -2.54 2.05
N LEU A 205 14.77 -3.01 2.72
CA LEU A 205 13.43 -2.93 2.17
C LEU A 205 12.75 -1.63 2.55
N LEU A 206 11.96 -1.10 1.62
CA LEU A 206 11.05 -0.01 1.91
C LEU A 206 9.67 -0.57 2.25
N ASP A 207 8.88 0.26 2.92
CA ASP A 207 7.50 -0.08 3.14
C ASP A 207 6.65 0.53 2.02
N SER A 208 5.34 0.48 2.17
CA SER A 208 4.45 0.83 1.06
C SER A 208 4.42 2.34 0.82
N ASP A 209 4.90 3.14 1.77
CA ASP A 209 5.01 4.58 1.57
C ASP A 209 6.42 5.00 1.19
N ASN A 210 7.27 4.05 0.81
CA ASN A 210 8.67 4.35 0.45
C ASN A 210 9.47 4.93 1.61
N CYS A 211 9.05 4.62 2.83
CA CYS A 211 9.88 4.80 4.02
C CYS A 211 10.69 3.54 4.23
N VAL A 212 11.90 3.70 4.80
CA VAL A 212 12.71 2.55 5.14
C VAL A 212 11.98 1.66 6.13
N ALA A 213 12.05 0.35 5.90
CA ALA A 213 11.48 -0.61 6.82
C ALA A 213 12.64 -1.27 7.55
N GLU A 214 13.16 -2.37 7.05
CA GLU A 214 14.29 -3.05 7.67
C GLU A 214 14.89 -3.98 6.62
N GLY A 215 15.83 -4.81 7.05
CA GLY A 215 16.43 -5.77 6.17
C GLY A 215 16.05 -7.16 6.60
N PRO A 216 16.50 -8.17 5.83
CA PRO A 216 16.26 -9.56 6.23
C PRO A 216 17.00 -9.89 7.51
N GLY A 217 16.33 -9.77 8.64
CA GLY A 217 16.93 -10.15 9.89
C GLY A 217 17.65 -9.06 10.65
N PHE A 218 17.45 -7.79 10.28
CA PHE A 218 18.17 -6.70 10.95
C PHE A 218 17.41 -5.40 10.77
N ASN A 219 17.55 -4.51 11.77
CA ASN A 219 17.16 -3.13 11.61
C ASN A 219 18.25 -2.36 10.88
N VAL A 220 17.85 -1.20 10.36
CA VAL A 220 18.73 -0.29 9.65
C VAL A 220 18.77 1.02 10.43
N CYS A 221 19.96 1.54 10.65
CA CYS A 221 20.15 2.84 11.26
C CYS A 221 20.79 3.73 10.21
N ILE A 222 20.32 4.97 10.15
CA ILE A 222 20.72 5.96 9.15
C ILE A 222 21.40 7.11 9.89
N VAL A 223 22.61 7.44 9.45
CA VAL A 223 23.35 8.58 10.00
C VAL A 223 23.34 9.70 8.98
N LYS A 224 22.93 10.89 9.40
CA LYS A 224 23.00 12.07 8.56
C LYS A 224 23.30 13.27 9.45
N ASP A 225 24.39 13.98 9.16
CA ASP A 225 24.77 15.18 9.92
C ASP A 225 24.86 14.91 11.41
N GLY A 226 25.59 13.85 11.75
CA GLY A 226 25.84 13.55 13.14
C GLY A 226 24.66 13.05 13.92
N LYS A 227 23.51 12.88 13.28
CA LYS A 227 22.35 12.31 13.96
C LYS A 227 22.08 10.90 13.48
N LEU A 228 21.46 10.13 14.35
CA LEU A 228 21.13 8.73 14.13
C LEU A 228 19.62 8.60 14.05
N ALA A 229 19.12 7.95 13.01
CA ALA A 229 17.70 7.70 12.85
C ALA A 229 17.49 6.23 12.51
N SER A 230 16.35 5.70 12.92
CA SER A 230 15.97 4.33 12.58
C SER A 230 14.45 4.27 12.45
N PRO A 231 13.94 3.52 11.47
CA PRO A 231 12.49 3.47 11.24
C PRO A 231 11.69 3.07 12.48
N SER A 232 10.56 3.73 12.65
CA SER A 232 9.67 3.48 13.77
C SER A 232 8.51 2.54 13.42
N ARG A 233 8.02 2.53 12.18
CA ARG A 233 6.78 1.81 11.92
C ARG A 233 6.99 0.34 11.54
N ASN A 234 7.40 0.08 10.30
CA ASN A 234 7.43 -1.27 9.74
C ASN A 234 8.79 -1.93 9.96
N ALA A 235 9.16 -2.04 11.23
CA ALA A 235 10.44 -2.60 11.63
C ALA A 235 10.28 -3.24 12.99
N LEU A 236 11.04 -4.30 13.22
CA LEU A 236 11.05 -4.87 14.55
C LEU A 236 11.63 -3.86 15.53
N PRO A 237 11.02 -3.66 16.68
CA PRO A 237 11.70 -2.88 17.75
C PRO A 237 12.85 -3.70 18.31
N GLY A 238 14.01 -3.61 17.66
CA GLY A 238 15.10 -4.52 17.96
C GLY A 238 15.83 -4.20 19.25
N ILE A 239 16.31 -5.25 19.90
CA ILE A 239 17.11 -5.10 21.11
C ILE A 239 18.49 -4.56 20.76
N THR A 240 19.05 -4.95 19.62
CA THR A 240 20.31 -4.36 19.21
C THR A 240 20.16 -2.88 18.93
N ARG A 241 19.09 -2.51 18.22
CA ARG A 241 18.83 -1.10 17.97
C ARG A 241 18.63 -0.35 19.27
N LYS A 242 17.90 -0.95 20.21
CA LYS A 242 17.76 -0.34 21.53
C LYS A 242 19.13 -0.11 22.16
N THR A 243 20.00 -1.11 22.09
CA THR A 243 21.35 -0.98 22.64
C THR A 243 22.13 0.10 21.91
N VAL A 244 22.03 0.10 20.58
CA VAL A 244 22.73 1.10 19.78
C VAL A 244 22.28 2.50 20.18
N PHE A 245 20.99 2.67 20.45
CA PHE A 245 20.49 3.98 20.83
C PHE A 245 20.99 4.40 22.21
N GLU A 246 21.17 3.44 23.13
CA GLU A 246 21.73 3.75 24.43
C GLU A 246 23.20 4.16 24.31
N ILE A 247 23.94 3.46 23.44
CA ILE A 247 25.32 3.84 23.16
C ILE A 247 25.36 5.23 22.56
N ALA A 248 24.49 5.50 21.58
CA ALA A 248 24.49 6.81 20.95
C ALA A 248 24.19 7.91 21.98
N ASP A 249 23.24 7.64 22.85
CA ASP A 249 22.87 8.57 23.87
C ASP A 249 24.07 8.90 24.74
N GLN A 250 24.79 7.88 25.14
CA GLN A 250 25.93 8.05 26.01
C GLN A 250 27.03 8.83 25.33
N MET A 251 27.13 8.75 24.02
CA MET A 251 28.11 9.49 23.27
C MET A 251 27.66 10.89 22.97
N GLY A 252 26.48 11.22 23.43
CA GLY A 252 25.93 12.49 23.15
C GLY A 252 25.46 12.69 21.72
N ILE A 253 25.06 11.61 21.09
CA ILE A 253 24.46 11.57 19.75
C ILE A 253 22.94 11.57 19.85
N GLU A 254 22.29 12.45 19.10
CA GLU A 254 20.83 12.43 19.03
C GLU A 254 20.38 11.26 18.15
N ALA A 255 19.63 10.34 18.73
CA ALA A 255 19.14 9.15 18.05
C ALA A 255 17.62 9.12 18.15
N THR A 256 16.94 8.92 17.02
CA THR A 256 15.49 9.09 16.93
C THR A 256 14.89 7.91 16.17
N LEU A 257 13.82 7.33 16.72
CA LEU A 257 12.98 6.40 16.00
C LEU A 257 11.92 7.21 15.28
N ARG A 258 11.93 7.17 13.95
CA ARG A 258 11.04 8.03 13.18
C ARG A 258 10.97 7.46 11.78
N ASP A 259 10.05 7.99 11.00
CA ASP A 259 10.00 7.66 9.59
C ASP A 259 11.25 8.17 8.89
N VAL A 260 11.91 7.30 8.18
CA VAL A 260 13.07 7.66 7.37
C VAL A 260 12.66 7.45 5.93
N THR A 261 12.63 8.51 5.15
CA THR A 261 12.14 8.38 3.79
C THR A 261 13.18 7.70 2.92
N SER A 262 12.75 7.26 1.73
CA SER A 262 13.72 6.74 0.79
C SER A 262 14.72 7.80 0.36
N HIS A 263 14.31 9.07 0.29
CA HIS A 263 15.28 10.14 0.03
C HIS A 263 16.41 10.09 1.05
N GLU A 264 16.05 10.03 2.33
CA GLU A 264 17.07 10.07 3.37
C GLU A 264 17.98 8.85 3.27
N LEU A 265 17.41 7.68 2.96
CA LEU A 265 18.21 6.47 2.86
C LEU A 265 19.31 6.64 1.82
N TYR A 266 18.96 7.13 0.63
CA TYR A 266 19.94 7.24 -0.42
C TYR A 266 20.92 8.37 -0.15
N ASP A 267 20.54 9.30 0.71
CA ASP A 267 21.35 10.47 1.01
C ASP A 267 22.19 10.30 2.26
N ALA A 268 22.25 9.10 2.83
CA ALA A 268 22.83 8.93 4.16
C ALA A 268 24.33 9.20 4.17
N ASP A 269 24.82 9.70 5.32
CA ASP A 269 26.26 9.76 5.54
C ASP A 269 26.81 8.38 5.92
N GLU A 270 26.06 7.62 6.70
CA GLU A 270 26.42 6.25 7.04
C GLU A 270 25.15 5.44 7.14
N LEU A 271 25.28 4.15 6.91
CA LEU A 271 24.23 3.17 7.10
C LEU A 271 24.81 2.00 7.85
N MET A 272 23.99 1.38 8.69
CA MET A 272 24.43 0.20 9.40
C MET A 272 23.25 -0.72 9.55
N ALA A 273 23.55 -2.01 9.66
CA ALA A 273 22.63 -3.06 10.02
C ALA A 273 22.89 -3.45 11.46
N VAL A 274 21.82 -3.64 12.23
CA VAL A 274 21.97 -4.01 13.64
C VAL A 274 21.03 -5.18 13.95
N THR A 275 21.59 -6.23 14.54
CA THR A 275 20.81 -7.41 14.87
C THR A 275 21.61 -8.26 15.84
N THR A 276 20.90 -9.02 16.65
CA THR A 276 21.54 -9.81 17.70
C THR A 276 22.62 -10.71 17.11
N ALA A 277 22.36 -11.34 15.97
CA ALA A 277 23.31 -12.29 15.41
C ALA A 277 24.36 -11.51 14.64
N GLY A 278 25.32 -10.97 15.38
CA GLY A 278 26.48 -10.32 14.78
C GLY A 278 26.64 -8.85 15.10
N GLY A 279 25.66 -8.20 15.71
CA GLY A 279 25.85 -6.81 16.17
C GLY A 279 25.62 -5.76 15.10
N VAL A 280 26.61 -4.87 14.92
CA VAL A 280 26.47 -3.64 14.16
C VAL A 280 27.35 -3.76 12.91
N THR A 281 26.71 -3.79 11.75
CA THR A 281 27.42 -4.02 10.50
C THR A 281 27.43 -2.74 9.69
N PRO A 282 28.59 -2.19 9.35
CA PRO A 282 28.62 -1.04 8.44
C PRO A 282 28.16 -1.47 7.05
N ILE A 283 27.46 -0.56 6.39
CA ILE A 283 26.98 -0.75 5.03
C ILE A 283 27.68 0.27 4.16
N ASN A 284 28.61 -0.23 3.35
CA ASN A 284 29.57 0.58 2.59
C ASN A 284 28.99 1.20 1.34
N SER A 285 28.01 0.55 0.73
CA SER A 285 27.48 1.02 -0.53
C SER A 285 26.02 0.61 -0.61
N LEU A 286 25.24 1.45 -1.31
CA LEU A 286 23.83 1.20 -1.53
C LEU A 286 23.61 1.29 -3.04
N ASP A 287 23.05 0.24 -3.63
CA ASP A 287 22.83 0.20 -5.08
C ASP A 287 24.13 0.49 -5.83
N GLY A 288 25.23 -0.05 -5.29
CA GLY A 288 26.53 0.10 -5.88
C GLY A 288 27.21 1.44 -5.67
N GLU A 289 26.56 2.41 -5.03
CA GLU A 289 27.16 3.71 -4.80
C GLU A 289 27.71 3.77 -3.38
N ALA A 290 28.95 4.21 -3.27
CA ALA A 290 29.57 4.34 -1.96
C ALA A 290 28.71 5.21 -1.06
N ILE A 291 28.56 4.77 0.18
CA ILE A 291 28.03 5.64 1.23
C ILE A 291 29.24 6.26 1.92
N GLY A 292 29.32 7.58 1.92
CA GLY A 292 30.56 8.21 2.38
C GLY A 292 31.70 7.78 1.50
N ASN A 293 32.81 7.38 2.11
CA ASN A 293 33.95 6.90 1.36
C ASN A 293 33.85 5.41 1.05
N GLY A 294 32.67 4.82 1.19
CA GLY A 294 32.53 3.42 0.83
C GLY A 294 33.18 2.48 1.82
N ALA A 295 33.52 2.96 3.00
CA ALA A 295 34.13 2.19 4.07
C ALA A 295 33.34 2.49 5.33
N PRO A 296 33.53 1.71 6.39
CA PRO A 296 32.77 1.94 7.62
C PRO A 296 32.85 3.38 8.11
N GLY A 297 31.69 3.97 8.42
CA GLY A 297 31.63 5.34 8.87
C GLY A 297 32.08 5.51 10.31
N PRO A 298 32.46 6.74 10.69
CA PRO A 298 33.00 6.94 12.05
C PRO A 298 32.04 6.58 13.16
N MET A 299 30.78 7.03 13.07
CA MET A 299 29.82 6.70 14.11
C MET A 299 29.56 5.20 14.16
N THR A 300 29.50 4.57 12.99
CA THR A 300 29.28 3.12 12.98
C THR A 300 30.42 2.42 13.70
N VAL A 301 31.67 2.84 13.42
CA VAL A 301 32.81 2.19 14.07
C VAL A 301 32.76 2.41 15.57
N ALA A 302 32.48 3.66 15.99
CA ALA A 302 32.43 3.97 17.42
C ALA A 302 31.34 3.15 18.11
N ILE A 303 30.14 3.11 17.51
CA ILE A 303 29.04 2.39 18.16
C ILE A 303 29.32 0.90 18.20
N ARG A 304 29.82 0.35 17.09
CA ARG A 304 30.08 -1.08 17.02
C ARG A 304 31.15 -1.50 18.01
N ASP A 305 32.23 -0.74 18.10
CA ASP A 305 33.28 -1.10 19.03
C ASP A 305 32.77 -1.03 20.47
N ARG A 306 32.00 0.00 20.79
CA ARG A 306 31.37 0.04 22.11
C ARG A 306 30.43 -1.14 22.32
N PHE A 307 29.68 -1.51 21.30
CA PHE A 307 28.74 -2.62 21.45
C PHE A 307 29.47 -3.89 21.85
N TRP A 308 30.58 -4.21 21.17
CA TRP A 308 31.26 -5.44 21.51
C TRP A 308 31.97 -5.35 22.85
N ALA A 309 32.35 -4.14 23.28
CA ALA A 309 32.90 -4.00 24.62
C ALA A 309 31.88 -4.35 25.69
N LEU A 310 30.60 -4.06 25.44
CA LEU A 310 29.55 -4.35 26.41
C LEU A 310 29.47 -5.84 26.74
N MET A 311 29.90 -6.70 25.82
CA MET A 311 29.81 -8.13 26.09
C MET A 311 30.75 -8.57 27.20
N ASP A 312 31.74 -7.74 27.56
CA ASP A 312 32.77 -8.06 28.53
C ASP A 312 32.72 -7.22 29.81
N GLU A 313 31.93 -6.14 29.83
CA GLU A 313 31.90 -5.23 30.96
C GLU A 313 30.81 -5.64 31.94
N PRO A 314 31.14 -5.95 33.19
CA PRO A 314 30.09 -6.30 34.15
C PRO A 314 29.08 -5.18 34.29
N GLY A 315 27.80 -5.56 34.32
CA GLY A 315 26.72 -4.62 34.39
C GLY A 315 25.38 -5.28 34.14
N PRO A 316 24.30 -4.50 34.22
CA PRO A 316 22.95 -5.10 34.12
C PRO A 316 22.64 -5.71 32.75
N LEU A 317 23.33 -5.31 31.69
CA LEU A 317 23.02 -5.84 30.35
C LEU A 317 23.42 -7.31 30.18
N ILE A 318 24.41 -7.80 30.94
CA ILE A 318 24.90 -9.15 30.72
C ILE A 318 24.75 -10.00 31.98
N GLU A 319 24.64 -11.31 31.76
CA GLU A 319 24.53 -12.25 32.85
C GLU A 319 25.43 -13.44 32.54
N ALA A 320 26.27 -13.79 33.50
CA ALA A 320 27.21 -14.88 33.29
C ALA A 320 26.48 -16.21 33.30
N ILE A 321 26.72 -17.02 32.28
CA ILE A 321 26.22 -18.38 32.27
C ILE A 321 27.08 -19.23 33.20
N GLU A 322 26.44 -20.12 33.96
CA GLU A 322 27.16 -20.99 34.88
C GLU A 322 27.41 -22.31 34.17
N TYR A 323 28.63 -22.49 33.69
CA TYR A 323 28.98 -23.71 32.98
C TYR A 323 29.45 -24.74 34.02
N ALA B 3 -22.48 35.52 3.18
CA ALA B 3 -22.94 36.52 4.14
C ALA B 3 -21.83 36.86 5.19
N ILE B 4 -22.06 37.81 6.11
CA ILE B 4 -21.13 38.27 7.16
C ILE B 4 -20.92 37.21 8.25
N ARG B 5 -22.01 36.58 8.66
CA ARG B 5 -21.97 35.72 9.84
C ARG B 5 -23.07 34.70 9.70
N GLU B 6 -23.01 33.69 10.55
CA GLU B 6 -24.11 32.75 10.68
C GLU B 6 -24.30 32.44 12.16
N ASP B 7 -25.41 31.77 12.47
CA ASP B 7 -25.75 31.49 13.85
C ASP B 7 -24.76 30.53 14.49
N THR B 8 -24.44 30.81 15.75
CA THR B 8 -23.65 29.97 16.62
C THR B 8 -24.41 29.75 17.92
N PRO B 9 -24.19 28.63 18.60
CA PRO B 9 -24.98 28.32 19.81
C PRO B 9 -24.83 29.42 20.86
N PRO B 10 -25.95 29.90 21.40
CA PRO B 10 -25.89 31.04 22.33
C PRO B 10 -25.09 30.71 23.58
N GLY B 11 -24.23 31.64 23.97
CA GLY B 11 -23.41 31.47 25.14
C GLY B 11 -22.20 30.59 24.95
N SER B 12 -22.04 30.01 23.76
CA SER B 12 -20.89 29.17 23.48
C SER B 12 -19.64 30.01 23.27
N VAL B 13 -18.49 29.34 23.28
CA VAL B 13 -17.20 30.00 23.08
C VAL B 13 -17.05 30.57 21.67
N ILE B 14 -17.97 30.25 20.75
CA ILE B 14 -17.85 30.71 19.37
C ILE B 14 -18.88 31.81 19.16
N GLN B 15 -18.41 33.05 18.96
CA GLN B 15 -19.32 34.16 18.69
C GLN B 15 -18.73 35.07 17.63
N TYR B 16 -19.50 35.32 16.56
CA TYR B 16 -19.10 36.25 15.52
C TYR B 16 -19.00 37.66 16.08
N SER B 17 -18.29 38.53 15.31
CA SER B 17 -18.12 39.95 15.63
C SER B 17 -19.38 40.70 15.33
N ASP B 18 -19.53 41.87 15.95
CA ASP B 18 -20.78 42.60 15.83
C ASP B 18 -20.55 43.85 15.02
N TYR B 19 -20.94 43.85 13.76
CA TYR B 19 -20.59 45.01 12.92
C TYR B 19 -21.31 44.82 11.59
N GLU B 20 -21.18 45.82 10.72
CA GLU B 20 -21.80 45.75 9.40
C GLU B 20 -20.81 46.15 8.31
N LEU B 21 -21.05 45.66 7.10
CA LEU B 21 -20.20 46.00 5.98
C LEU B 21 -20.58 47.38 5.44
N ASP B 22 -19.57 48.17 5.11
CA ASP B 22 -19.75 49.46 4.43
C ASP B 22 -19.73 49.15 2.94
N HIS B 23 -20.90 48.93 2.37
CA HIS B 23 -21.02 48.46 0.98
C HIS B 23 -20.69 49.57 -0.06
N SER B 24 -20.24 50.75 0.37
CA SER B 24 -19.74 51.73 -0.58
C SER B 24 -18.55 51.18 -1.34
N SER B 25 -17.73 50.39 -0.67
CA SER B 25 -16.58 49.76 -1.31
C SER B 25 -17.01 48.52 -2.06
N PRO B 26 -16.56 48.31 -3.30
CA PRO B 26 -16.86 47.06 -3.98
C PRO B 26 -16.16 45.87 -3.32
N PHE B 27 -15.11 46.15 -2.53
CA PHE B 27 -14.32 45.15 -1.83
C PHE B 27 -15.00 44.59 -0.58
N ALA B 28 -16.00 45.28 -0.03
CA ALA B 28 -16.68 44.79 1.15
C ALA B 28 -17.28 43.40 0.89
N GLY B 29 -16.99 42.44 1.77
CA GLY B 29 -17.59 41.12 1.65
C GLY B 29 -16.71 40.06 1.00
N GLY B 30 -15.64 40.46 0.32
CA GLY B 30 -14.70 39.53 -0.29
C GLY B 30 -13.58 40.23 -1.04
N VAL B 31 -12.32 39.91 -0.75
CA VAL B 31 -11.17 40.51 -1.42
C VAL B 31 -10.27 39.39 -1.97
N ALA B 32 -9.95 39.46 -3.26
CA ALA B 32 -9.03 38.54 -3.92
C ALA B 32 -7.86 39.31 -4.53
N TRP B 33 -6.66 38.79 -4.33
CA TRP B 33 -5.44 39.35 -4.91
C TRP B 33 -4.91 38.37 -5.96
N ILE B 34 -5.08 38.72 -7.23
CA ILE B 34 -4.77 37.84 -8.35
C ILE B 34 -3.96 38.62 -9.38
N GLU B 35 -2.79 38.09 -9.72
CA GLU B 35 -1.91 38.69 -10.72
C GLU B 35 -1.56 40.12 -10.31
N GLY B 36 -1.38 40.34 -9.00
CA GLY B 36 -0.91 41.59 -8.49
C GLY B 36 -1.97 42.64 -8.22
N GLU B 37 -3.18 42.40 -8.68
CA GLU B 37 -4.23 43.37 -8.49
C GLU B 37 -5.32 42.87 -7.61
N PHE B 38 -5.80 43.71 -6.72
CA PHE B 38 -6.92 43.38 -5.89
C PHE B 38 -8.21 43.44 -6.68
N LEU B 39 -9.10 42.55 -6.39
CA LEU B 39 -10.41 42.49 -7.05
C LEU B 39 -11.52 42.13 -6.07
N PRO B 40 -12.77 42.48 -6.39
CA PRO B 40 -13.91 41.87 -5.68
C PRO B 40 -14.02 40.38 -5.97
N ALA B 41 -14.41 39.61 -4.93
CA ALA B 41 -14.44 38.15 -5.02
C ALA B 41 -15.30 37.68 -6.19
N GLU B 42 -16.32 38.45 -6.48
CA GLU B 42 -17.06 38.21 -7.65
C GLU B 42 -16.18 38.24 -8.93
N ASP B 43 -15.15 39.07 -9.04
CA ASP B 43 -14.45 39.06 -10.26
C ASP B 43 -13.23 38.16 -10.22
N ALA B 44 -12.97 37.50 -9.10
CA ALA B 44 -11.78 36.69 -8.93
C ALA B 44 -11.73 35.54 -9.93
N LYS B 45 -10.79 35.64 -10.87
CA LYS B 45 -10.65 34.67 -11.94
C LYS B 45 -9.18 34.39 -12.16
N ILE B 46 -8.89 33.16 -12.56
CA ILE B 46 -7.52 32.77 -12.88
C ILE B 46 -7.55 32.18 -14.27
N SER B 47 -6.39 32.22 -14.93
CA SER B 47 -6.29 31.63 -16.26
C SER B 47 -6.63 30.16 -16.20
N ILE B 48 -7.44 29.71 -17.16
CA ILE B 48 -7.74 28.28 -17.21
C ILE B 48 -6.48 27.47 -17.53
N PHE B 49 -5.44 28.09 -18.06
CA PHE B 49 -4.21 27.38 -18.43
C PHE B 49 -3.18 27.39 -17.31
N ASP B 50 -3.51 27.96 -16.15
CA ASP B 50 -2.63 27.83 -14.99
C ASP B 50 -2.47 26.35 -14.66
N THR B 51 -1.23 25.91 -14.48
CA THR B 51 -0.99 24.51 -14.15
C THR B 51 -1.40 24.17 -12.72
N GLY B 52 -1.57 25.17 -11.86
CA GLY B 52 -2.27 24.93 -10.61
C GLY B 52 -3.65 24.35 -10.83
N PHE B 53 -4.23 24.59 -12.00
CA PHE B 53 -5.46 23.93 -12.40
C PHE B 53 -5.18 22.60 -13.11
N GLY B 54 -4.50 22.65 -14.26
CA GLY B 54 -4.39 21.45 -15.09
C GLY B 54 -3.62 20.31 -14.46
N HIS B 55 -2.65 20.62 -13.60
CA HIS B 55 -1.90 19.59 -12.89
C HIS B 55 -2.07 19.67 -11.38
N SER B 56 -2.99 20.51 -10.88
CA SER B 56 -3.12 20.77 -9.45
C SER B 56 -1.74 20.96 -8.84
N ASP B 57 -0.86 21.62 -9.61
CA ASP B 57 0.55 21.77 -9.28
C ASP B 57 0.72 23.03 -8.45
N LEU B 58 0.46 22.89 -7.16
CA LEU B 58 0.38 24.05 -6.29
C LEU B 58 0.53 23.59 -4.86
N THR B 59 0.70 24.57 -3.99
CA THR B 59 0.44 24.40 -2.57
C THR B 59 -0.30 25.64 -2.08
N TYR B 60 -0.84 25.54 -0.87
CA TYR B 60 -1.63 26.64 -0.36
C TYR B 60 -1.68 26.52 1.16
N THR B 61 -2.18 27.57 1.78
CA THR B 61 -2.47 27.54 3.19
C THR B 61 -3.69 28.39 3.41
N VAL B 62 -4.33 28.16 4.55
CA VAL B 62 -5.51 28.92 4.92
C VAL B 62 -5.28 29.39 6.34
N ALA B 63 -5.34 30.69 6.55
CA ALA B 63 -5.35 31.26 7.89
C ALA B 63 -6.73 31.84 8.15
N HIS B 64 -7.14 31.84 9.40
CA HIS B 64 -8.46 32.37 9.70
C HIS B 64 -8.30 33.70 10.43
N VAL B 65 -9.27 34.58 10.23
CA VAL B 65 -9.37 35.81 11.01
C VAL B 65 -10.56 35.66 11.94
N TRP B 66 -10.34 35.89 13.22
CA TRP B 66 -11.43 35.85 14.20
C TRP B 66 -11.40 37.10 15.06
N HIS B 67 -12.54 37.80 15.13
CA HIS B 67 -12.65 39.04 15.91
C HIS B 67 -11.56 40.03 15.46
N GLY B 68 -11.35 40.10 14.15
CA GLY B 68 -10.34 40.99 13.62
C GLY B 68 -8.90 40.60 13.88
N ASN B 69 -8.66 39.43 14.46
CA ASN B 69 -7.30 38.98 14.72
C ASN B 69 -6.97 37.82 13.78
N ILE B 70 -5.85 37.94 13.08
CA ILE B 70 -5.37 36.85 12.23
C ILE B 70 -4.50 35.93 13.08
N PHE B 71 -4.68 34.62 12.92
CA PHE B 71 -4.11 33.63 13.82
C PHE B 71 -2.92 32.93 13.17
N ARG B 72 -1.74 33.08 13.78
CA ARG B 72 -0.50 32.37 13.38
C ARG B 72 -0.19 32.58 11.91
N LEU B 73 -0.30 33.84 11.46
CA LEU B 73 0.01 34.11 10.06
C LEU B 73 1.44 33.72 9.74
N GLY B 74 2.35 33.90 10.70
CA GLY B 74 3.75 33.56 10.47
C GLY B 74 3.96 32.08 10.25
N ASP B 75 3.31 31.25 11.07
CA ASP B 75 3.38 29.80 10.90
C ASP B 75 2.76 29.37 9.59
N HIS B 76 1.66 30.01 9.21
CA HIS B 76 1.03 29.65 7.95
C HIS B 76 1.91 30.02 6.78
N LEU B 77 2.56 31.20 6.84
CA LEU B 77 3.49 31.59 5.78
C LEU B 77 4.73 30.72 5.79
N ASP B 78 5.24 30.39 6.97
CA ASP B 78 6.36 29.45 7.06
C ASP B 78 6.02 28.14 6.36
N ARG B 79 4.83 27.58 6.67
CA ARG B 79 4.42 26.32 6.07
C ARG B 79 4.25 26.46 4.56
N LEU B 80 3.60 27.54 4.12
CA LEU B 80 3.35 27.73 2.69
C LEU B 80 4.64 27.79 1.91
N LEU B 81 5.64 28.51 2.44
CA LEU B 81 6.90 28.66 1.74
C LEU B 81 7.74 27.39 1.82
N ASP B 82 7.69 26.69 2.97
CA ASP B 82 8.40 25.42 3.07
C ASP B 82 7.87 24.42 2.05
N GLY B 83 6.55 24.34 1.92
CA GLY B 83 5.95 23.44 0.93
C GLY B 83 6.20 23.87 -0.51
N ALA B 84 6.17 25.17 -0.78
CA ALA B 84 6.44 25.62 -2.14
C ALA B 84 7.86 25.26 -2.56
N ARG B 85 8.82 25.44 -1.65
CA ARG B 85 10.19 25.04 -1.95
C ARG B 85 10.27 23.53 -2.16
N LYS B 86 9.55 22.75 -1.35
CA LYS B 86 9.53 21.31 -1.57
C LYS B 86 8.98 20.97 -2.96
N LEU B 87 8.07 21.78 -3.49
CA LEU B 87 7.54 21.58 -4.83
C LEU B 87 8.31 22.35 -5.90
N ARG B 88 9.45 22.94 -5.54
CA ARG B 88 10.23 23.75 -6.48
C ARG B 88 9.39 24.91 -7.01
N LEU B 89 8.54 25.44 -6.15
CA LEU B 89 7.73 26.61 -6.47
C LEU B 89 8.40 27.82 -5.84
N ASP B 90 8.47 28.92 -6.58
CA ASP B 90 9.02 30.17 -6.07
C ASP B 90 7.89 31.18 -6.10
N ALA B 91 7.44 31.61 -4.91
CA ALA B 91 6.34 32.56 -4.81
C ALA B 91 6.67 33.89 -5.48
N GLY B 92 7.94 34.28 -5.50
CA GLY B 92 8.33 35.58 -6.01
C GLY B 92 8.12 36.71 -5.05
N TYR B 93 7.59 36.43 -3.86
CA TYR B 93 7.43 37.40 -2.80
C TYR B 93 8.03 36.79 -1.55
N THR B 94 8.60 37.65 -0.72
CA THR B 94 9.12 37.26 0.58
C THR B 94 7.97 37.06 1.58
N LYS B 95 8.28 36.45 2.72
CA LYS B 95 7.27 36.16 3.73
C LYS B 95 6.61 37.44 4.26
N ASP B 96 7.42 38.43 4.63
CA ASP B 96 6.85 39.70 5.10
C ASP B 96 5.98 40.35 4.03
N GLU B 97 6.41 40.28 2.76
CA GLU B 97 5.62 40.88 1.70
C GLU B 97 4.27 40.19 1.60
N LEU B 98 4.26 38.85 1.63
CA LEU B 98 3.00 38.12 1.59
C LEU B 98 2.15 38.42 2.80
N ALA B 99 2.79 38.54 3.98
CA ALA B 99 2.05 38.91 5.18
C ALA B 99 1.33 40.25 4.99
N ASP B 100 2.05 41.25 4.47
CA ASP B 100 1.44 42.56 4.28
C ASP B 100 0.28 42.48 3.31
N ILE B 101 0.50 41.84 2.16
CA ILE B 101 -0.57 41.68 1.17
C ILE B 101 -1.75 40.94 1.77
N THR B 102 -1.48 39.91 2.58
CA THR B 102 -2.56 39.13 3.19
C THR B 102 -3.33 39.96 4.20
N LYS B 103 -2.63 40.56 5.16
CA LYS B 103 -3.30 41.41 6.14
C LYS B 103 -4.07 42.54 5.46
N GLN B 104 -3.51 43.07 4.37
CA GLN B 104 -4.20 44.10 3.59
C GLN B 104 -5.45 43.53 2.93
N CYS B 105 -5.38 42.27 2.48
CA CYS B 105 -6.57 41.65 1.90
C CYS B 105 -7.73 41.62 2.87
N VAL B 106 -7.44 41.28 4.13
CA VAL B 106 -8.48 41.20 5.15
C VAL B 106 -9.05 42.58 5.43
N SER B 107 -8.18 43.58 5.64
CA SER B 107 -8.62 44.95 5.90
C SER B 107 -9.61 45.41 4.84
N MET B 108 -9.18 45.38 3.59
CA MET B 108 -10.03 45.82 2.50
C MET B 108 -11.31 44.99 2.42
N SER B 109 -11.26 43.75 2.90
CA SER B 109 -12.45 42.92 2.89
C SER B 109 -13.50 43.40 3.87
N GLN B 110 -13.06 44.02 4.98
CA GLN B 110 -13.82 44.47 6.14
C GLN B 110 -14.36 43.32 7.00
N LEU B 111 -14.02 42.07 6.68
CA LEU B 111 -14.49 40.94 7.47
C LEU B 111 -13.66 40.83 8.73
N ARG B 112 -14.33 40.84 9.89
CA ARG B 112 -13.65 40.57 11.15
C ARG B 112 -13.52 39.07 11.39
N GLU B 113 -14.36 38.28 10.74
CA GLU B 113 -14.24 36.83 10.71
C GLU B 113 -13.98 36.44 9.27
N SER B 114 -12.83 35.82 9.00
CA SER B 114 -12.50 35.56 7.61
C SER B 114 -11.73 34.25 7.45
N PHE B 115 -11.94 33.66 6.28
CA PHE B 115 -11.19 32.53 5.74
C PHE B 115 -10.20 33.09 4.72
N VAL B 116 -8.92 32.99 5.02
CA VAL B 116 -7.86 33.61 4.23
C VAL B 116 -7.02 32.51 3.59
N ASN B 117 -7.00 32.49 2.26
CA ASN B 117 -6.29 31.49 1.48
C ASN B 117 -5.13 32.15 0.74
N LEU B 118 -3.92 31.57 0.87
CA LEU B 118 -2.78 31.89 0.02
C LEU B 118 -2.42 30.64 -0.77
N THR B 119 -2.48 30.74 -2.10
CA THR B 119 -2.18 29.64 -3.01
C THR B 119 -0.98 30.03 -3.87
N VAL B 120 -0.02 29.12 -4.00
CA VAL B 120 1.17 29.30 -4.84
C VAL B 120 1.14 28.23 -5.93
N THR B 121 1.01 28.64 -7.18
CA THR B 121 0.93 27.71 -8.29
C THR B 121 2.17 27.81 -9.15
N ARG B 122 2.37 26.79 -9.96
CA ARG B 122 3.46 26.76 -10.91
C ARG B 122 3.19 27.68 -12.11
N GLY B 123 1.95 28.11 -12.28
CA GLY B 123 1.59 29.14 -13.22
C GLY B 123 1.37 28.70 -14.63
N TYR B 124 1.53 29.60 -15.57
CA TYR B 124 1.40 29.27 -16.97
C TYR B 124 2.56 29.89 -17.74
N GLY B 125 2.73 29.46 -18.97
CA GLY B 125 3.88 29.89 -19.74
C GLY B 125 3.75 31.30 -20.24
N LEU B 136 8.11 28.41 -16.91
CA LEU B 136 6.82 28.81 -16.36
C LEU B 136 7.06 29.88 -15.34
N THR B 137 6.15 30.83 -15.25
CA THR B 137 6.28 31.87 -14.26
C THR B 137 5.22 31.71 -13.17
N HIS B 138 5.64 31.50 -11.94
CA HIS B 138 4.77 31.05 -10.90
C HIS B 138 3.82 32.09 -10.45
N GLN B 139 2.63 31.68 -10.09
CA GLN B 139 1.51 32.57 -9.79
C GLN B 139 1.14 32.42 -8.32
N VAL B 140 0.87 33.55 -7.67
CA VAL B 140 0.39 33.59 -6.30
C VAL B 140 -0.99 34.19 -6.29
N TYR B 141 -1.94 33.49 -5.65
CA TYR B 141 -3.31 33.95 -5.49
C TYR B 141 -3.63 34.02 -4.01
N ILE B 142 -4.26 35.12 -3.58
CA ILE B 142 -4.70 35.28 -2.21
C ILE B 142 -6.15 35.74 -2.23
N TYR B 143 -6.96 35.22 -1.32
CA TYR B 143 -8.28 35.76 -1.13
C TYR B 143 -8.65 35.70 0.34
N ALA B 144 -9.49 36.65 0.73
CA ALA B 144 -10.09 36.71 2.06
C ALA B 144 -11.59 36.80 1.86
N ILE B 145 -12.31 35.77 2.27
CA ILE B 145 -13.74 35.70 2.05
C ILE B 145 -14.37 35.48 3.43
N PRO B 146 -15.70 35.50 3.56
CA PRO B 146 -16.30 35.27 4.87
C PRO B 146 -15.91 33.91 5.42
N TYR B 147 -15.93 33.80 6.74
CA TYR B 147 -15.49 32.59 7.43
C TYR B 147 -16.23 31.36 6.94
N LEU B 148 -15.46 30.30 6.69
CA LEU B 148 -15.99 29.01 6.25
C LEU B 148 -15.78 27.98 7.34
N TRP B 149 -16.74 27.06 7.47
CA TRP B 149 -16.72 26.06 8.52
C TRP B 149 -16.59 24.68 7.91
N ALA B 150 -15.50 23.96 8.22
CA ALA B 150 -15.47 22.54 7.86
C ALA B 150 -16.62 21.82 8.53
N PHE B 151 -16.92 22.18 9.77
CA PHE B 151 -18.10 21.69 10.45
C PHE B 151 -18.87 22.89 10.97
N PRO B 152 -20.20 22.85 10.89
CA PRO B 152 -20.99 23.99 11.33
C PRO B 152 -20.71 24.29 12.82
N PRO B 153 -20.91 25.55 13.22
CA PRO B 153 -20.70 25.89 14.64
C PRO B 153 -21.49 25.02 15.60
N ALA B 154 -22.70 24.59 15.22
CA ALA B 154 -23.46 23.70 16.09
C ALA B 154 -22.70 22.41 16.36
N GLU B 155 -22.00 21.90 15.34
CA GLU B 155 -21.23 20.68 15.51
C GLU B 155 -19.92 20.91 16.23
N GLN B 156 -19.33 22.09 16.12
CA GLN B 156 -18.17 22.39 16.94
C GLN B 156 -18.51 22.29 18.41
N ILE B 157 -19.74 22.63 18.78
CA ILE B 157 -20.14 22.65 20.18
C ILE B 157 -20.64 21.29 20.62
N PHE B 158 -21.53 20.68 19.84
CA PHE B 158 -22.21 19.46 20.22
C PHE B 158 -21.67 18.20 19.53
N GLY B 159 -20.66 18.33 18.70
CA GLY B 159 -19.98 17.19 18.09
C GLY B 159 -20.58 16.81 16.75
N THR B 160 -19.78 16.12 15.94
CA THR B 160 -20.16 15.62 14.62
C THR B 160 -20.05 14.09 14.62
N THR B 161 -20.37 13.45 13.49
CA THR B 161 -20.29 12.00 13.38
C THR B 161 -19.33 11.61 12.26
N ALA B 162 -18.69 10.45 12.40
CA ALA B 162 -17.69 10.04 11.42
C ALA B 162 -17.82 8.57 11.10
N ILE B 163 -17.34 8.22 9.91
CA ILE B 163 -17.14 6.83 9.53
C ILE B 163 -15.70 6.68 9.06
N VAL B 164 -15.22 5.45 9.09
CA VAL B 164 -14.01 5.08 8.38
C VAL B 164 -14.44 4.52 7.02
N PRO B 165 -13.95 5.06 5.91
CA PRO B 165 -14.40 4.57 4.59
C PRO B 165 -14.13 3.09 4.41
N ARG B 166 -15.13 2.37 3.89
CA ARG B 166 -14.91 1.00 3.46
C ARG B 166 -14.08 0.93 2.18
N HIS B 167 -14.16 1.95 1.33
CA HIS B 167 -13.65 1.84 -0.04
C HIS B 167 -12.50 2.77 -0.33
N VAL B 168 -12.13 3.63 0.60
CA VAL B 168 -11.20 4.71 0.33
C VAL B 168 -10.09 4.67 1.38
N ARG B 169 -8.88 4.97 0.95
CA ARG B 169 -7.78 5.21 1.87
C ARG B 169 -7.16 6.55 1.52
N ARG B 170 -6.42 7.11 2.48
CA ARG B 170 -5.71 8.35 2.22
C ARG B 170 -4.50 8.07 1.33
N ALA B 171 -4.30 8.91 0.32
CA ALA B 171 -3.10 8.79 -0.49
C ALA B 171 -1.86 8.88 0.40
N GLY B 172 -0.84 8.06 0.08
CA GLY B 172 0.37 8.04 0.87
C GLY B 172 1.34 9.17 0.53
N ARG B 173 2.29 9.36 1.44
CA ARG B 173 3.28 10.42 1.30
C ARG B 173 4.17 10.27 0.06
N ASN B 174 4.28 9.06 -0.51
CA ASN B 174 5.06 8.80 -1.73
C ASN B 174 4.21 8.88 -3.00
N THR B 175 2.94 9.23 -2.90
CA THR B 175 2.10 9.38 -4.06
C THR B 175 1.70 10.85 -4.14
N VAL B 176 0.47 11.19 -3.80
CA VAL B 176 0.07 12.57 -3.65
C VAL B 176 0.28 12.91 -2.18
N ASP B 177 1.38 13.58 -1.90
CA ASP B 177 1.89 13.76 -0.54
C ASP B 177 0.96 14.60 0.34
N PRO B 178 0.31 14.02 1.35
CA PRO B 178 -0.58 14.83 2.20
C PRO B 178 0.17 15.75 3.16
N THR B 179 1.49 15.62 3.30
CA THR B 179 2.25 16.51 4.17
C THR B 179 2.52 17.86 3.50
N ILE B 180 2.07 18.05 2.27
CA ILE B 180 2.11 19.35 1.63
C ILE B 180 0.68 19.69 1.29
N ASN B 182 -2.56 20.65 -0.26
CA ASN B 182 -2.79 20.64 -1.70
C ASN B 182 -4.26 20.54 -1.98
N TYR B 183 -4.62 20.82 -3.24
CA TYR B 183 -6.01 20.80 -3.72
C TYR B 183 -6.40 19.43 -4.27
N GLN B 184 -5.52 18.42 -4.14
CA GLN B 184 -5.75 17.14 -4.80
C GLN B 184 -6.58 16.28 -3.86
N TRP B 185 -7.91 16.43 -3.95
CA TRP B 185 -8.82 15.87 -2.95
C TRP B 185 -9.52 14.60 -3.41
N GLY B 186 -8.98 13.93 -4.44
CA GLY B 186 -9.71 12.80 -5.02
C GLY B 186 -10.16 11.79 -3.99
N ASP B 187 -9.24 11.43 -3.08
CA ASP B 187 -9.55 10.52 -2.00
C ASP B 187 -10.42 11.16 -0.93
N LEU B 188 -10.16 12.43 -0.60
CA LEU B 188 -10.98 13.13 0.40
C LEU B 188 -12.41 13.30 -0.08
N THR B 189 -12.60 13.68 -1.34
CA THR B 189 -13.96 13.78 -1.86
C THR B 189 -14.66 12.44 -1.84
N ALA B 190 -13.97 11.38 -2.27
CA ALA B 190 -14.57 10.06 -2.25
C ALA B 190 -15.00 9.67 -0.84
N ALA B 191 -14.15 9.93 0.17
CA ALA B 191 -14.52 9.56 1.53
C ALA B 191 -15.74 10.34 2.02
N SER B 192 -15.79 11.64 1.71
CA SER B 192 -16.93 12.46 2.08
C SER B 192 -18.21 11.92 1.47
N PHE B 193 -18.17 11.54 0.19
CA PHE B 193 -19.37 10.95 -0.40
C PHE B 193 -19.75 9.66 0.31
N GLU B 194 -18.77 8.82 0.63
CA GLU B 194 -19.08 7.58 1.35
C GLU B 194 -19.69 7.90 2.72
N ALA B 195 -19.17 8.93 3.38
CA ALA B 195 -19.75 9.38 4.65
C ALA B 195 -21.21 9.78 4.49
N LYS B 196 -21.49 10.68 3.52
CA LYS B 196 -22.87 11.09 3.28
C LYS B 196 -23.73 9.88 2.90
N ASP B 197 -23.24 9.00 2.02
CA ASP B 197 -23.97 7.80 1.65
C ASP B 197 -24.35 6.97 2.88
N ARG B 198 -23.48 6.96 3.90
CA ARG B 198 -23.73 6.19 5.09
C ARG B 198 -24.35 7.02 6.22
N GLY B 199 -24.78 8.26 5.93
CA GLY B 199 -25.50 9.05 6.91
C GLY B 199 -24.64 9.63 8.02
N ALA B 200 -23.36 9.76 7.80
CA ALA B 200 -22.50 10.47 8.70
C ALA B 200 -22.02 11.73 8.09
N ARG B 201 -21.52 12.63 8.92
CA ARG B 201 -21.06 13.93 8.47
C ARG B 201 -19.68 13.92 7.84
N THR B 202 -18.80 13.02 8.27
CA THR B 202 -17.44 13.06 7.75
C THR B 202 -16.79 11.69 7.84
N ALA B 203 -15.58 11.63 7.31
CA ALA B 203 -14.80 10.43 7.19
C ALA B 203 -13.49 10.63 7.91
N ILE B 204 -12.99 9.56 8.52
CA ILE B 204 -11.62 9.49 8.98
C ILE B 204 -10.90 8.47 8.10
N LEU B 205 -9.89 8.91 7.37
CA LEU B 205 -9.18 8.04 6.43
C LEU B 205 -8.03 7.31 7.11
N LEU B 206 -7.86 6.04 6.72
CA LEU B 206 -6.66 5.30 7.09
C LEU B 206 -5.66 5.38 5.93
N ASP B 207 -4.39 5.13 6.24
CA ASP B 207 -3.38 5.01 5.22
C ASP B 207 -3.22 3.54 4.85
N SER B 208 -2.20 3.24 4.05
CA SER B 208 -2.11 1.90 3.48
C SER B 208 -1.73 0.86 4.52
N ASP B 209 -1.16 1.28 5.66
CA ASP B 209 -0.85 0.36 6.75
C ASP B 209 -1.95 0.34 7.81
N ASN B 210 -3.13 0.87 7.51
CA ASN B 210 -4.26 0.95 8.45
C ASN B 210 -3.94 1.79 9.69
N CYS B 211 -2.99 2.71 9.59
CA CYS B 211 -2.83 3.76 10.59
C CYS B 211 -3.71 4.94 10.23
N VAL B 212 -4.17 5.65 11.25
CA VAL B 212 -5.00 6.81 11.00
C VAL B 212 -4.21 7.82 10.17
N ALA B 213 -4.87 8.37 9.16
CA ALA B 213 -4.26 9.39 8.34
C ALA B 213 -4.85 10.74 8.76
N GLU B 214 -5.91 11.18 8.10
CA GLU B 214 -6.56 12.44 8.43
C GLU B 214 -7.93 12.40 7.80
N GLY B 215 -8.65 13.50 7.88
CA GLY B 215 -9.95 13.59 7.27
C GLY B 215 -9.94 14.58 6.13
N PRO B 216 -11.07 14.70 5.42
CA PRO B 216 -11.17 15.70 4.35
C PRO B 216 -11.12 17.11 4.91
N GLY B 217 -9.93 17.69 4.93
CA GLY B 217 -9.74 19.04 5.40
C GLY B 217 -9.39 19.18 6.86
N PHE B 218 -9.03 18.10 7.56
CA PHE B 218 -8.72 18.21 8.98
C PHE B 218 -7.80 17.10 9.44
N ASN B 219 -6.98 17.41 10.45
CA ASN B 219 -6.29 16.37 11.20
C ASN B 219 -7.24 15.78 12.24
N VAL B 220 -6.88 14.61 12.73
CA VAL B 220 -7.66 13.88 13.72
C VAL B 220 -6.78 13.70 14.95
N CYS B 221 -7.33 14.00 16.11
CA CYS B 221 -6.63 13.75 17.37
C CYS B 221 -7.40 12.70 18.15
N ILE B 222 -6.65 11.78 18.76
CA ILE B 222 -7.20 10.64 19.46
C ILE B 222 -6.81 10.74 20.93
N VAL B 223 -7.80 10.68 21.80
CA VAL B 223 -7.59 10.73 23.24
C VAL B 223 -7.78 9.31 23.80
N LYS B 224 -6.81 8.84 24.56
CA LYS B 224 -6.96 7.53 25.20
C LYS B 224 -6.23 7.58 26.54
N ASP B 225 -6.94 7.29 27.62
CA ASP B 225 -6.38 7.25 28.97
C ASP B 225 -5.64 8.54 29.30
N GLY B 226 -6.29 9.67 29.02
CA GLY B 226 -5.75 10.97 29.35
C GLY B 226 -4.61 11.44 28.48
N LYS B 227 -4.23 10.69 27.46
CA LYS B 227 -3.18 11.11 26.56
C LYS B 227 -3.78 11.49 25.21
N LEU B 228 -3.10 12.39 24.51
CA LEU B 228 -3.53 12.89 23.22
C LEU B 228 -2.51 12.42 22.19
N ALA B 229 -3.01 11.87 21.07
CA ALA B 229 -2.15 11.43 19.99
C ALA B 229 -2.71 11.92 18.66
N SER B 230 -1.82 12.12 17.68
CA SER B 230 -2.26 12.51 16.37
C SER B 230 -1.29 11.89 15.37
N PRO B 231 -1.79 11.40 14.24
CA PRO B 231 -0.90 10.74 13.27
C PRO B 231 0.25 11.62 12.84
N SER B 232 1.42 11.00 12.72
CA SER B 232 2.65 11.68 12.33
C SER B 232 2.95 11.57 10.84
N ARG B 233 2.53 10.48 10.19
CA ARG B 233 3.00 10.27 8.83
C ARG B 233 2.11 10.85 7.74
N ASN B 234 0.98 10.21 7.45
CA ASN B 234 0.18 10.57 6.28
C ASN B 234 -0.92 11.56 6.63
N ALA B 235 -0.47 12.71 7.13
CA ALA B 235 -1.35 13.78 7.55
C ALA B 235 -0.62 15.09 7.38
N LEU B 236 -1.36 16.13 7.05
CA LEU B 236 -0.76 17.45 7.01
C LEU B 236 -0.27 17.81 8.40
N PRO B 237 0.92 18.39 8.52
CA PRO B 237 1.33 18.98 9.81
C PRO B 237 0.51 20.24 10.09
N GLY B 238 -0.66 20.05 10.69
CA GLY B 238 -1.62 21.14 10.78
C GLY B 238 -1.21 22.20 11.77
N ILE B 239 -1.59 23.44 11.46
CA ILE B 239 -1.35 24.53 12.40
C ILE B 239 -2.32 24.45 13.57
N THR B 240 -3.58 24.08 13.31
CA THR B 240 -4.51 23.90 14.40
C THR B 240 -4.05 22.76 15.29
N ARG B 241 -3.55 21.68 14.69
CA ARG B 241 -2.99 20.58 15.47
C ARG B 241 -1.80 21.06 16.29
N LYS B 242 -0.93 21.88 15.69
CA LYS B 242 0.16 22.47 16.44
C LYS B 242 -0.38 23.25 17.65
N THR B 243 -1.40 24.07 17.44
CA THR B 243 -2.00 24.83 18.53
C THR B 243 -2.59 23.90 19.57
N VAL B 244 -3.33 22.88 19.13
CA VAL B 244 -3.95 21.95 20.07
C VAL B 244 -2.89 21.28 20.94
N PHE B 245 -1.75 20.94 20.35
CA PHE B 245 -0.71 20.29 21.13
C PHE B 245 -0.10 21.24 22.15
N GLU B 246 0.05 22.52 21.78
CA GLU B 246 0.55 23.50 22.75
C GLU B 246 -0.45 23.70 23.87
N ILE B 247 -1.75 23.76 23.54
CA ILE B 247 -2.79 23.89 24.55
C ILE B 247 -2.74 22.72 25.53
N ALA B 248 -2.66 21.50 24.99
CA ALA B 248 -2.62 20.33 25.87
C ALA B 248 -1.39 20.36 26.74
N ASP B 249 -0.24 20.73 26.18
CA ASP B 249 0.97 20.81 26.99
C ASP B 249 0.80 21.78 28.15
N GLN B 250 0.15 22.92 27.91
CA GLN B 250 -0.09 23.86 28.98
C GLN B 250 -1.03 23.29 30.03
N MET B 251 -1.95 22.41 29.64
CA MET B 251 -2.84 21.75 30.59
C MET B 251 -2.20 20.56 31.29
N GLY B 252 -0.92 20.28 31.05
CA GLY B 252 -0.34 19.09 31.63
C GLY B 252 -0.73 17.79 30.95
N ILE B 253 -1.29 17.86 29.74
CA ILE B 253 -1.65 16.68 28.98
C ILE B 253 -0.48 16.29 28.09
N GLU B 254 -0.11 15.02 28.12
CA GLU B 254 0.92 14.49 27.21
C GLU B 254 0.31 14.32 25.82
N ALA B 255 0.89 15.00 24.83
CA ALA B 255 0.44 14.99 23.45
C ALA B 255 1.60 14.51 22.57
N THR B 256 1.34 13.54 21.70
CA THR B 256 2.40 12.88 20.95
C THR B 256 1.99 12.75 19.50
N LEU B 257 2.89 13.12 18.60
CA LEU B 257 2.73 12.84 17.18
C LEU B 257 3.33 11.46 16.92
N ARG B 258 2.50 10.52 16.45
CA ARG B 258 2.92 9.13 16.28
C ARG B 258 1.95 8.43 15.36
N ASP B 259 2.34 7.21 14.94
CA ASP B 259 1.39 6.34 14.27
C ASP B 259 0.28 6.00 15.25
N VAL B 260 -0.95 6.15 14.82
CA VAL B 260 -2.12 5.73 15.56
C VAL B 260 -2.78 4.65 14.73
N THR B 261 -2.90 3.44 15.28
CA THR B 261 -3.45 2.34 14.50
C THR B 261 -4.98 2.42 14.42
N SER B 262 -5.54 1.65 13.50
CA SER B 262 -7.00 1.54 13.42
C SER B 262 -7.59 0.94 14.70
N HIS B 263 -6.88 0.01 15.35
CA HIS B 263 -7.30 -0.46 16.66
C HIS B 263 -7.47 0.70 17.63
N GLU B 264 -6.47 1.58 17.70
CA GLU B 264 -6.51 2.68 18.64
C GLU B 264 -7.61 3.67 18.27
N LEU B 265 -7.81 3.90 16.96
CA LEU B 265 -8.89 4.78 16.53
C LEU B 265 -10.23 4.27 17.02
N TYR B 266 -10.51 2.97 16.83
CA TYR B 266 -11.81 2.44 17.20
C TYR B 266 -11.97 2.35 18.71
N ASP B 267 -10.86 2.30 19.45
CA ASP B 267 -10.88 2.16 20.90
C ASP B 267 -10.71 3.48 21.62
N ALA B 268 -10.77 4.61 20.91
CA ALA B 268 -10.45 5.89 21.53
C ALA B 268 -11.46 6.25 22.59
N ASP B 269 -11.00 6.96 23.62
CA ASP B 269 -11.92 7.56 24.58
C ASP B 269 -12.60 8.79 23.99
N GLU B 270 -11.86 9.56 23.21
CA GLU B 270 -12.41 10.71 22.50
C GLU B 270 -11.71 10.85 21.16
N LEU B 271 -12.42 11.43 20.21
CA LEU B 271 -11.91 11.76 18.90
C LEU B 271 -12.23 13.21 18.61
N MET B 272 -11.34 13.87 17.88
CA MET B 272 -11.62 15.24 17.48
C MET B 272 -11.01 15.52 16.13
N ALA B 273 -11.64 16.43 15.40
CA ALA B 273 -11.11 16.98 14.17
C ALA B 273 -10.58 18.39 14.45
N VAL B 274 -9.41 18.69 13.90
CA VAL B 274 -8.77 19.99 14.12
C VAL B 274 -8.38 20.55 12.77
N THR B 275 -8.81 21.78 12.49
CA THR B 275 -8.53 22.43 11.22
C THR B 275 -8.84 23.92 11.33
N THR B 276 -8.13 24.71 10.53
CA THR B 276 -8.23 26.17 10.63
C THR B 276 -9.68 26.64 10.50
N ALA B 277 -10.42 26.07 9.56
CA ALA B 277 -11.79 26.52 9.30
C ALA B 277 -12.74 25.88 10.31
N GLY B 278 -12.77 26.44 11.51
CA GLY B 278 -13.69 25.99 12.55
C GLY B 278 -13.03 25.48 13.83
N GLY B 279 -11.73 25.26 13.87
CA GLY B 279 -11.08 24.92 15.13
C GLY B 279 -11.16 23.44 15.43
N VAL B 280 -11.68 23.11 16.62
CA VAL B 280 -11.64 21.78 17.20
C VAL B 280 -13.07 21.28 17.31
N THR B 281 -13.38 20.23 16.54
CA THR B 281 -14.71 19.64 16.45
C THR B 281 -14.71 18.29 17.15
N PRO B 282 -15.54 18.07 18.17
CA PRO B 282 -15.63 16.73 18.75
C PRO B 282 -16.24 15.77 17.74
N ILE B 283 -15.77 14.52 17.77
CA ILE B 283 -16.36 13.46 16.96
C ILE B 283 -17.02 12.48 17.92
N ASN B 284 -18.35 12.48 17.92
CA ASN B 284 -19.15 11.79 18.92
C ASN B 284 -19.25 10.29 18.68
N SER B 285 -19.21 9.87 17.42
CA SER B 285 -19.39 8.47 17.09
C SER B 285 -18.55 8.14 15.86
N LEU B 286 -18.16 6.88 15.77
CA LEU B 286 -17.39 6.36 14.64
C LEU B 286 -18.13 5.12 14.16
N ASP B 287 -18.47 5.09 12.88
CA ASP B 287 -19.20 3.97 12.31
C ASP B 287 -20.48 3.68 13.10
N GLY B 288 -21.14 4.74 13.54
CA GLY B 288 -22.36 4.61 14.30
C GLY B 288 -22.21 4.20 15.75
N GLU B 289 -20.99 3.94 16.23
CA GLU B 289 -20.78 3.57 17.62
C GLU B 289 -20.36 4.81 18.41
N ALA B 290 -21.00 5.05 19.54
CA ALA B 290 -20.63 6.19 20.38
C ALA B 290 -19.14 6.13 20.73
N ILE B 291 -18.47 7.27 20.65
CA ILE B 291 -17.14 7.38 21.26
C ILE B 291 -17.36 7.97 22.63
N GLY B 292 -16.89 7.28 23.68
CA GLY B 292 -17.25 7.69 25.02
C GLY B 292 -18.75 7.57 25.16
N ASN B 293 -19.40 8.61 25.68
CA ASN B 293 -20.85 8.59 25.81
C ASN B 293 -21.56 9.16 24.57
N GLY B 294 -20.88 9.24 23.45
CA GLY B 294 -21.50 9.73 22.23
C GLY B 294 -21.70 11.21 22.17
N ALA B 295 -21.09 11.96 23.08
CA ALA B 295 -21.16 13.41 23.14
C ALA B 295 -19.73 13.92 23.31
N PRO B 296 -19.50 15.22 23.13
CA PRO B 296 -18.13 15.74 23.22
C PRO B 296 -17.45 15.35 24.52
N GLY B 297 -16.24 14.82 24.40
CA GLY B 297 -15.48 14.34 25.54
C GLY B 297 -14.85 15.46 26.33
N PRO B 298 -14.51 15.19 27.59
CA PRO B 298 -14.03 16.29 28.46
C PRO B 298 -12.77 16.97 27.95
N MET B 299 -11.77 16.22 27.49
CA MET B 299 -10.57 16.88 27.02
C MET B 299 -10.83 17.70 25.77
N THR B 300 -11.69 17.18 24.87
CA THR B 300 -11.99 17.93 23.66
C THR B 300 -12.63 19.26 24.00
N VAL B 301 -13.58 19.24 24.94
CA VAL B 301 -14.27 20.46 25.32
C VAL B 301 -13.26 21.47 25.87
N ALA B 302 -12.37 21.00 26.74
CA ALA B 302 -11.37 21.87 27.35
C ALA B 302 -10.44 22.49 26.31
N ILE B 303 -9.97 21.68 25.35
CA ILE B 303 -9.06 22.17 24.32
C ILE B 303 -9.79 23.14 23.41
N ARG B 304 -11.02 22.81 23.01
CA ARG B 304 -11.74 23.67 22.09
C ARG B 304 -11.99 25.04 22.71
N ASP B 305 -12.40 25.07 23.99
CA ASP B 305 -12.68 26.35 24.62
C ASP B 305 -11.41 27.16 24.76
N ARG B 306 -10.31 26.53 25.18
CA ARG B 306 -9.04 27.24 25.26
C ARG B 306 -8.64 27.73 23.89
N PHE B 307 -8.89 26.92 22.85
CA PHE B 307 -8.55 27.33 21.50
C PHE B 307 -9.25 28.63 21.13
N TRP B 308 -10.57 28.70 21.37
CA TRP B 308 -11.30 29.90 20.95
C TRP B 308 -10.94 31.09 21.83
N ALA B 309 -10.53 30.85 23.08
CA ALA B 309 -10.07 31.93 23.93
C ALA B 309 -8.79 32.57 23.37
N LEU B 310 -7.95 31.78 22.71
CA LEU B 310 -6.69 32.27 22.14
C LEU B 310 -6.93 33.34 21.09
N MET B 311 -8.10 33.33 20.45
CA MET B 311 -8.40 34.31 19.41
C MET B 311 -8.47 35.73 19.96
N ASP B 312 -8.66 35.87 21.28
CA ASP B 312 -8.86 37.16 21.93
C ASP B 312 -7.72 37.56 22.87
N GLU B 313 -6.78 36.67 23.17
CA GLU B 313 -5.73 36.96 24.12
C GLU B 313 -4.54 37.59 23.40
N PRO B 314 -4.15 38.82 23.72
CA PRO B 314 -2.99 39.40 23.04
C PRO B 314 -1.74 38.56 23.28
N GLY B 315 -0.99 38.37 22.21
CA GLY B 315 0.18 37.53 22.26
C GLY B 315 0.66 37.23 20.86
N PRO B 316 1.75 36.45 20.77
CA PRO B 316 2.39 36.23 19.45
C PRO B 316 1.50 35.46 18.47
N LEU B 317 0.51 34.70 18.95
CA LEU B 317 -0.32 33.89 18.05
C LEU B 317 -1.27 34.74 17.23
N ILE B 318 -1.64 35.93 17.71
CA ILE B 318 -2.63 36.74 17.03
C ILE B 318 -2.05 38.10 16.68
N GLU B 319 -2.57 38.69 15.62
CA GLU B 319 -2.19 40.03 15.23
C GLU B 319 -3.44 40.76 14.78
N ALA B 320 -3.68 41.94 15.34
CA ALA B 320 -4.90 42.67 14.99
C ALA B 320 -4.77 43.22 13.58
N ILE B 321 -5.79 42.97 12.77
CA ILE B 321 -5.87 43.57 11.45
C ILE B 321 -6.26 45.04 11.63
N GLU B 322 -5.66 45.92 10.83
CA GLU B 322 -5.96 47.35 10.87
C GLU B 322 -7.00 47.62 9.79
N TYR B 323 -8.24 47.77 10.21
CA TYR B 323 -9.32 48.02 9.27
C TYR B 323 -9.46 49.54 8.98
N PRO C 1 -3.61 -34.09 13.33
CA PRO C 1 -4.54 -35.15 12.91
C PRO C 1 -5.94 -34.96 13.53
N GLY C 2 -6.86 -35.87 13.25
CA GLY C 2 -8.23 -35.76 13.74
C GLY C 2 -8.92 -37.10 13.72
N ALA C 3 -10.25 -37.07 13.62
CA ALA C 3 -11.06 -38.27 13.61
C ALA C 3 -11.53 -38.61 12.19
N ILE C 4 -11.85 -39.89 11.99
CA ILE C 4 -12.07 -40.45 10.66
C ILE C 4 -13.32 -39.88 10.01
N ARG C 5 -14.33 -39.54 10.80
CA ARG C 5 -15.61 -39.12 10.27
C ARG C 5 -16.15 -37.99 11.13
N GLU C 6 -17.03 -37.22 10.53
CA GLU C 6 -17.74 -36.17 11.24
C GLU C 6 -19.17 -36.12 10.72
N ASP C 7 -20.06 -35.51 11.49
CA ASP C 7 -21.46 -35.44 11.07
C ASP C 7 -21.62 -34.51 9.87
N THR C 8 -22.46 -34.93 8.94
CA THR C 8 -22.84 -34.11 7.79
C THR C 8 -24.35 -34.03 7.71
N PRO C 9 -24.90 -32.97 7.14
CA PRO C 9 -26.35 -32.84 7.06
C PRO C 9 -26.96 -33.98 6.25
N PRO C 10 -27.96 -34.67 6.81
CA PRO C 10 -28.49 -35.86 6.13
C PRO C 10 -29.12 -35.50 4.79
N GLY C 11 -28.83 -36.32 3.78
CA GLY C 11 -29.35 -36.10 2.46
C GLY C 11 -28.64 -35.03 1.66
N SER C 12 -27.65 -34.35 2.25
CA SER C 12 -26.88 -33.36 1.51
C SER C 12 -25.84 -34.06 0.61
N VAL C 13 -25.28 -33.28 -0.31
CA VAL C 13 -24.29 -33.78 -1.25
C VAL C 13 -23.00 -34.21 -0.57
N ILE C 14 -22.83 -33.93 0.72
CA ILE C 14 -21.59 -34.22 1.45
C ILE C 14 -21.86 -35.40 2.37
N GLN C 15 -21.26 -36.55 2.05
CA GLN C 15 -21.40 -37.75 2.87
C GLN C 15 -20.07 -38.49 2.92
N TYR C 16 -19.58 -38.73 4.14
CA TYR C 16 -18.38 -39.52 4.29
C TYR C 16 -18.65 -40.96 3.87
N SER C 17 -17.56 -41.69 3.67
CA SER C 17 -17.64 -43.12 3.37
C SER C 17 -17.96 -43.91 4.63
N ASP C 18 -18.37 -45.16 4.43
CA ASP C 18 -18.79 -46.05 5.51
C ASP C 18 -17.76 -47.17 5.57
N TYR C 19 -16.92 -47.16 6.60
CA TYR C 19 -15.82 -48.10 6.77
C TYR C 19 -15.17 -47.82 8.12
N GLU C 20 -14.25 -48.70 8.50
CA GLU C 20 -13.49 -48.55 9.73
C GLU C 20 -12.02 -48.83 9.45
N LEU C 21 -11.16 -48.26 10.29
CA LEU C 21 -9.73 -48.44 10.16
C LEU C 21 -9.29 -49.80 10.70
N ASP C 22 -8.33 -50.41 10.01
CA ASP C 22 -7.69 -51.64 10.47
C ASP C 22 -6.48 -51.25 11.33
N HIS C 23 -6.70 -51.17 12.65
CA HIS C 23 -5.70 -50.68 13.59
C HIS C 23 -4.59 -51.66 13.81
N SER C 24 -4.56 -52.77 13.08
CA SER C 24 -3.40 -53.66 13.13
C SER C 24 -2.17 -52.97 12.56
N SER C 25 -2.36 -52.19 11.50
CA SER C 25 -1.25 -51.42 10.96
C SER C 25 -1.06 -50.15 11.77
N PRO C 26 0.17 -49.81 12.12
CA PRO C 26 0.41 -48.54 12.83
C PRO C 26 0.11 -47.32 11.97
N PHE C 27 0.12 -47.47 10.64
CA PHE C 27 -0.15 -46.38 9.71
C PHE C 27 -1.62 -45.98 9.67
N ALA C 28 -2.51 -46.84 10.17
CA ALA C 28 -3.94 -46.60 10.05
C ALA C 28 -4.32 -45.23 10.63
N GLY C 29 -5.00 -44.43 9.83
CA GLY C 29 -5.53 -43.16 10.30
C GLY C 29 -4.66 -41.96 9.99
N GLY C 30 -3.40 -42.16 9.62
CA GLY C 30 -2.57 -41.03 9.28
C GLY C 30 -1.15 -41.39 8.95
N VAL C 31 -0.67 -40.95 7.79
CA VAL C 31 0.66 -41.27 7.34
C VAL C 31 1.41 -39.99 6.97
N ALA C 32 2.66 -39.90 7.42
CA ALA C 32 3.56 -38.84 7.01
C ALA C 32 4.78 -39.46 6.33
N TRP C 33 5.20 -38.86 5.23
CA TRP C 33 6.41 -39.24 4.54
C TRP C 33 7.43 -38.13 4.76
N ILE C 34 8.42 -38.41 5.60
CA ILE C 34 9.37 -37.41 6.05
C ILE C 34 10.77 -37.97 5.86
N GLU C 35 11.59 -37.25 5.10
CA GLU C 35 12.99 -37.62 4.89
C GLU C 35 13.09 -39.03 4.32
N GLY C 36 12.20 -39.35 3.39
CA GLY C 36 12.21 -40.63 2.71
C GLY C 36 11.52 -41.77 3.43
N GLU C 37 11.10 -41.57 4.67
CA GLU C 37 10.58 -42.66 5.50
C GLU C 37 9.10 -42.42 5.79
N PHE C 38 8.29 -43.44 5.54
CA PHE C 38 6.90 -43.38 5.96
C PHE C 38 6.83 -43.51 7.47
N LEU C 39 5.92 -42.77 8.07
CA LEU C 39 5.73 -42.81 9.51
C LEU C 39 4.25 -42.72 9.80
N PRO C 40 3.81 -43.26 10.94
CA PRO C 40 2.48 -42.92 11.44
C PRO C 40 2.40 -41.44 11.76
N ALA C 41 1.27 -40.83 11.51
CA ALA C 41 1.15 -39.39 11.62
C ALA C 41 1.61 -38.91 12.97
N GLU C 42 1.40 -39.75 13.96
CA GLU C 42 1.78 -39.47 15.34
C GLU C 42 3.28 -39.29 15.50
N ASP C 43 4.09 -39.94 14.68
CA ASP C 43 5.47 -39.81 14.87
C ASP C 43 6.05 -38.77 13.94
N ALA C 44 5.23 -38.11 13.15
CA ALA C 44 5.70 -37.17 12.13
C ALA C 44 6.37 -35.95 12.77
N LYS C 45 7.68 -35.84 12.57
CA LYS C 45 8.48 -34.78 13.15
C LYS C 45 9.45 -34.26 12.11
N ILE C 46 9.74 -32.97 12.18
CA ILE C 46 10.73 -32.37 11.28
C ILE C 46 11.77 -31.68 12.15
N SER C 47 12.97 -31.56 11.60
CA SER C 47 14.01 -30.85 12.32
C SER C 47 13.53 -29.44 12.61
N ILE C 48 13.75 -28.99 13.84
CA ILE C 48 13.41 -27.61 14.15
C ILE C 48 14.26 -26.65 13.34
N PHE C 49 15.39 -27.11 12.80
CA PHE C 49 16.34 -26.28 12.08
C PHE C 49 16.04 -26.20 10.60
N ASP C 50 14.98 -26.85 10.13
CA ASP C 50 14.50 -26.64 8.78
C ASP C 50 14.13 -25.16 8.60
N THR C 51 14.64 -24.53 7.54
CA THR C 51 14.32 -23.14 7.26
C THR C 51 12.88 -22.95 6.81
N GLY C 52 12.21 -24.03 6.38
CA GLY C 52 10.76 -23.99 6.27
C GLY C 52 10.08 -23.67 7.58
N PHE C 53 10.74 -23.95 8.69
CA PHE C 53 10.25 -23.47 9.97
C PHE C 53 10.77 -22.05 10.21
N GLY C 54 12.09 -21.89 10.30
CA GLY C 54 12.66 -20.63 10.75
C GLY C 54 12.46 -19.46 9.81
N HIS C 55 12.39 -19.70 8.51
CA HIS C 55 12.09 -18.62 7.57
C HIS C 55 10.80 -18.87 6.82
N SER C 56 10.02 -19.90 7.19
CA SER C 56 8.85 -20.29 6.42
C SER C 56 9.18 -20.33 4.94
N ASP C 57 10.39 -20.82 4.65
CA ASP C 57 10.96 -20.81 3.31
C ASP C 57 10.55 -22.09 2.60
N LEU C 58 9.33 -22.06 2.07
CA LEU C 58 8.73 -23.28 1.56
C LEU C 58 7.57 -22.91 0.65
N THR C 59 7.07 -23.91 -0.06
CA THR C 59 5.75 -23.85 -0.65
C THR C 59 5.07 -25.19 -0.41
N TYR C 60 3.77 -25.25 -0.67
CA TYR C 60 3.03 -26.47 -0.40
C TYR C 60 1.76 -26.50 -1.22
N THR C 61 1.11 -27.66 -1.19
CA THR C 61 -0.21 -27.77 -1.77
C THR C 61 -0.99 -28.78 -0.94
N VAL C 62 -2.31 -28.74 -1.07
CA VAL C 62 -3.18 -29.67 -0.36
C VAL C 62 -4.14 -30.24 -1.38
N ALA C 63 -4.17 -31.57 -1.47
CA ALA C 63 -5.20 -32.27 -2.24
C ALA C 63 -6.12 -33.00 -1.28
N HIS C 64 -7.37 -33.17 -1.66
CA HIS C 64 -8.27 -33.89 -0.78
C HIS C 64 -8.59 -35.25 -1.42
N VAL C 65 -8.83 -36.24 -0.57
CA VAL C 65 -9.35 -37.53 -1.00
C VAL C 65 -10.77 -37.61 -0.52
N TRP C 66 -11.70 -37.91 -1.42
CA TRP C 66 -13.11 -38.07 -1.06
C TRP C 66 -13.61 -39.40 -1.65
N HIS C 67 -14.22 -40.23 -0.81
CA HIS C 67 -14.71 -41.54 -1.26
C HIS C 67 -13.58 -42.32 -1.93
N GLY C 68 -12.39 -42.28 -1.33
CA GLY C 68 -11.26 -42.99 -1.89
C GLY C 68 -10.70 -42.44 -3.18
N ASN C 69 -11.19 -41.29 -3.65
CA ASN C 69 -10.71 -40.68 -4.89
C ASN C 69 -9.90 -39.43 -4.54
N ILE C 70 -8.67 -39.34 -5.07
CA ILE C 70 -7.88 -38.11 -4.92
C ILE C 70 -8.20 -37.16 -6.07
N PHE C 71 -8.39 -35.87 -5.75
CA PHE C 71 -8.98 -34.92 -6.68
C PHE C 71 -7.91 -34.01 -7.26
N ARG C 72 -7.74 -34.10 -8.58
CA ARG C 72 -6.87 -33.23 -9.37
C ARG C 72 -5.46 -33.22 -8.82
N LEU C 73 -4.98 -34.41 -8.45
CA LEU C 73 -3.64 -34.51 -7.89
C LEU C 73 -2.60 -33.99 -8.85
N GLY C 74 -2.83 -34.15 -10.16
CA GLY C 74 -1.87 -33.65 -11.15
C GLY C 74 -1.76 -32.14 -11.17
N ASP C 75 -2.90 -31.44 -11.17
CA ASP C 75 -2.88 -29.99 -11.13
C ASP C 75 -2.20 -29.49 -9.86
N HIS C 76 -2.39 -30.20 -8.73
CA HIS C 76 -1.75 -29.79 -7.49
C HIS C 76 -0.24 -29.97 -7.55
N LEU C 77 0.22 -31.07 -8.17
CA LEU C 77 1.66 -31.25 -8.32
C LEU C 77 2.23 -30.22 -9.27
N ASP C 78 1.50 -29.91 -10.35
CA ASP C 78 1.90 -28.85 -11.27
C ASP C 78 2.06 -27.52 -10.54
N ARG C 79 1.06 -27.17 -9.71
CA ARG C 79 1.12 -25.92 -8.96
C ARG C 79 2.28 -25.94 -7.97
N LEU C 80 2.41 -27.05 -7.23
CA LEU C 80 3.46 -27.14 -6.22
C LEU C 80 4.84 -26.97 -6.82
N LEU C 81 5.09 -27.60 -7.97
CA LEU C 81 6.40 -27.52 -8.60
C LEU C 81 6.64 -26.17 -9.24
N ASP C 82 5.60 -25.59 -9.84
CA ASP C 82 5.77 -24.28 -10.45
C ASP C 82 6.11 -23.25 -9.38
N GLY C 83 5.40 -23.30 -8.26
CA GLY C 83 5.73 -22.42 -7.14
C GLY C 83 7.06 -22.76 -6.52
N ALA C 84 7.39 -24.04 -6.43
CA ALA C 84 8.71 -24.39 -5.91
C ALA C 84 9.81 -23.82 -6.79
N ARG C 85 9.61 -23.86 -8.11
CA ARG C 85 10.62 -23.29 -9.00
C ARG C 85 10.76 -21.78 -8.80
N LYS C 86 9.62 -21.07 -8.68
CA LYS C 86 9.66 -19.62 -8.44
C LYS C 86 10.37 -19.27 -7.14
N LEU C 87 10.34 -20.14 -6.15
CA LEU C 87 11.09 -19.90 -4.92
C LEU C 87 12.51 -20.45 -4.99
N ARG C 88 12.95 -20.89 -6.17
CA ARG C 88 14.26 -21.51 -6.33
C ARG C 88 14.42 -22.74 -5.43
N LEU C 89 13.33 -23.48 -5.29
CA LEU C 89 13.31 -24.70 -4.51
C LEU C 89 13.39 -25.88 -5.45
N ASP C 90 14.16 -26.89 -5.08
CA ASP C 90 14.29 -28.09 -5.89
C ASP C 90 13.77 -29.28 -5.08
N ALA C 91 12.61 -29.79 -5.48
CA ALA C 91 12.01 -30.90 -4.75
C ALA C 91 12.93 -32.12 -4.78
N GLY C 92 13.67 -32.29 -5.87
CA GLY C 92 14.47 -33.48 -6.03
C GLY C 92 13.69 -34.69 -6.51
N TYR C 93 12.38 -34.54 -6.71
CA TYR C 93 11.52 -35.62 -7.20
C TYR C 93 10.75 -35.12 -8.42
N THR C 94 10.48 -36.06 -9.33
CA THR C 94 9.65 -35.79 -10.48
C THR C 94 8.19 -35.75 -10.04
N LYS C 95 7.33 -35.18 -10.89
CA LYS C 95 5.90 -35.16 -10.62
C LYS C 95 5.35 -36.58 -10.46
N ASP C 96 5.71 -37.48 -11.38
CA ASP C 96 5.29 -38.88 -11.28
C ASP C 96 5.74 -39.52 -9.97
N GLU C 97 6.98 -39.28 -9.57
CA GLU C 97 7.47 -39.85 -8.31
C GLU C 97 6.67 -39.32 -7.13
N LEU C 98 6.47 -38.00 -7.07
CA LEU C 98 5.69 -37.42 -5.97
C LEU C 98 4.28 -37.95 -6.02
N ALA C 99 3.72 -38.07 -7.22
CA ALA C 99 2.37 -38.62 -7.37
C ALA C 99 2.27 -40.02 -6.75
N ASP C 100 3.27 -40.88 -7.00
CA ASP C 100 3.29 -42.23 -6.42
C ASP C 100 3.42 -42.20 -4.91
N ILE C 101 4.39 -41.44 -4.40
CA ILE C 101 4.58 -41.36 -2.96
C ILE C 101 3.32 -40.85 -2.28
N THR C 102 2.65 -39.87 -2.91
CA THR C 102 1.46 -39.27 -2.34
C THR C 102 0.33 -40.28 -2.25
N LYS C 103 -0.01 -40.90 -3.39
CA LYS C 103 -1.06 -41.91 -3.37
C LYS C 103 -0.71 -43.04 -2.41
N GLN C 104 0.58 -43.36 -2.30
CA GLN C 104 0.98 -44.40 -1.35
C GLN C 104 0.70 -43.97 0.09
N CYS C 105 0.92 -42.69 0.41
CA CYS C 105 0.61 -42.24 1.78
C CYS C 105 -0.86 -42.43 2.09
N VAL C 106 -1.74 -42.12 1.14
CA VAL C 106 -3.16 -42.27 1.38
C VAL C 106 -3.53 -43.73 1.59
N SER C 107 -3.04 -44.61 0.72
CA SER C 107 -3.35 -46.03 0.84
C SER C 107 -2.98 -46.55 2.21
N MET C 108 -1.73 -46.37 2.62
CA MET C 108 -1.33 -46.83 3.93
C MET C 108 -2.13 -46.18 5.05
N SER C 109 -2.62 -44.94 4.81
CA SER C 109 -3.47 -44.29 5.80
C SER C 109 -4.82 -44.99 5.92
N GLN C 110 -5.28 -45.62 4.85
CA GLN C 110 -6.60 -46.25 4.75
C GLN C 110 -7.72 -45.22 4.78
N LEU C 111 -7.41 -43.93 4.71
CA LEU C 111 -8.43 -42.89 4.74
C LEU C 111 -9.07 -42.79 3.36
N ARG C 112 -10.39 -42.92 3.31
CA ARG C 112 -11.16 -42.65 2.10
C ARG C 112 -11.45 -41.17 1.95
N GLU C 113 -11.50 -40.46 3.07
CA GLU C 113 -11.63 -39.00 3.11
C GLU C 113 -10.34 -38.49 3.75
N SER C 114 -9.58 -37.68 3.00
CA SER C 114 -8.27 -37.33 3.51
C SER C 114 -7.90 -35.92 3.11
N PHE C 115 -7.10 -35.31 3.99
CA PHE C 115 -6.41 -34.04 3.76
C PHE C 115 -4.97 -34.40 3.44
N VAL C 116 -4.53 -34.13 2.21
CA VAL C 116 -3.22 -34.56 1.77
C VAL C 116 -2.35 -33.33 1.51
N ASN C 117 -1.25 -33.23 2.23
CA ASN C 117 -0.35 -32.08 2.17
C ASN C 117 0.99 -32.48 1.56
N LEU C 118 1.43 -31.73 0.56
CA LEU C 118 2.79 -31.85 0.04
C LEU C 118 3.51 -30.53 0.29
N THR C 119 4.59 -30.58 1.07
CA THR C 119 5.35 -29.38 1.40
C THR C 119 6.79 -29.52 0.90
N VAL C 120 7.29 -28.47 0.27
CA VAL C 120 8.67 -28.42 -0.21
C VAL C 120 9.36 -27.29 0.51
N THR C 121 10.34 -27.62 1.34
CA THR C 121 11.03 -26.59 2.10
C THR C 121 12.47 -26.44 1.64
N ARG C 122 13.06 -25.31 1.99
CA ARG C 122 14.44 -25.06 1.67
C ARG C 122 15.36 -25.99 2.46
N GLY C 123 14.92 -26.52 3.59
CA GLY C 123 15.65 -27.55 4.29
C GLY C 123 16.66 -27.03 5.29
N TYR C 124 17.64 -27.88 5.60
CA TYR C 124 18.69 -27.53 6.56
C TYR C 124 20.03 -27.98 6.00
N GLY C 125 21.10 -27.48 6.61
CA GLY C 125 22.46 -27.79 6.20
C GLY C 125 22.94 -29.18 6.62
N LEU C 136 20.41 -26.03 2.92
CA LEU C 136 21.25 -26.53 1.84
C LEU C 136 20.50 -27.57 1.00
N THR C 137 20.14 -28.68 1.62
CA THR C 137 19.41 -29.74 0.95
C THR C 137 17.93 -29.54 1.20
N HIS C 138 17.17 -29.38 0.13
CA HIS C 138 15.75 -29.10 0.25
C HIS C 138 15.01 -30.37 0.68
N GLN C 139 13.94 -30.18 1.45
CA GLN C 139 13.21 -31.27 2.09
C GLN C 139 11.79 -31.31 1.53
N VAL C 140 11.30 -32.51 1.28
CA VAL C 140 9.92 -32.74 0.89
C VAL C 140 9.23 -33.52 1.99
N TYR C 141 8.09 -32.98 2.45
CA TYR C 141 7.25 -33.61 3.46
C TYR C 141 5.88 -33.84 2.87
N ILE C 142 5.33 -35.03 3.10
CA ILE C 142 3.98 -35.36 2.67
C ILE C 142 3.27 -35.98 3.86
N TYR C 143 2.00 -35.65 4.03
CA TYR C 143 1.19 -36.38 5.00
C TYR C 143 -0.25 -36.49 4.50
N ALA C 144 -0.91 -37.57 4.92
CA ALA C 144 -2.32 -37.80 4.67
C ALA C 144 -2.96 -38.07 6.02
N ILE C 145 -3.86 -37.20 6.44
CA ILE C 145 -4.51 -37.29 7.75
C ILE C 145 -6.00 -37.21 7.50
N PRO C 146 -6.87 -37.40 8.52
CA PRO C 146 -8.31 -37.31 8.26
C PRO C 146 -8.74 -35.96 7.70
N TYR C 147 -9.87 -35.96 6.99
CA TYR C 147 -10.35 -34.77 6.29
C TYR C 147 -10.49 -33.60 7.25
N LEU C 148 -10.02 -32.44 6.81
CA LEU C 148 -10.11 -31.21 7.58
C LEU C 148 -11.06 -30.26 6.87
N TRP C 149 -11.83 -29.50 7.64
CA TRP C 149 -12.84 -28.62 7.09
C TRP C 149 -12.42 -27.18 7.38
N ALA C 150 -12.22 -26.38 6.33
CA ALA C 150 -12.10 -24.93 6.53
C ALA C 150 -13.37 -24.38 7.17
N PHE C 151 -14.53 -24.86 6.71
CA PHE C 151 -15.81 -24.58 7.33
C PHE C 151 -16.51 -25.91 7.59
N PRO C 152 -17.21 -26.05 8.70
CA PRO C 152 -17.85 -27.32 9.03
C PRO C 152 -18.86 -27.72 7.96
N PRO C 153 -19.14 -29.02 7.83
CA PRO C 153 -20.11 -29.47 6.81
C PRO C 153 -21.46 -28.79 6.90
N ALA C 154 -21.96 -28.52 8.11
CA ALA C 154 -23.21 -27.80 8.25
C ALA C 154 -23.14 -26.46 7.54
N GLU C 155 -21.99 -25.79 7.61
CA GLU C 155 -21.89 -24.50 6.95
C GLU C 155 -21.67 -24.65 5.44
N GLN C 156 -21.05 -25.74 4.98
CA GLN C 156 -21.01 -25.93 3.54
C GLN C 156 -22.42 -26.00 2.96
N ILE C 157 -23.36 -26.55 3.71
CA ILE C 157 -24.72 -26.73 3.21
C ILE C 157 -25.58 -25.51 3.48
N PHE C 158 -25.53 -24.99 4.70
CA PHE C 158 -26.42 -23.92 5.12
C PHE C 158 -25.78 -22.55 5.16
N GLY C 159 -24.49 -22.45 4.81
CA GLY C 159 -23.85 -21.15 4.68
C GLY C 159 -23.15 -20.72 5.96
N THR C 160 -22.19 -19.83 5.78
CA THR C 160 -21.35 -19.28 6.84
C THR C 160 -21.53 -17.76 6.86
N THR C 161 -20.84 -17.11 7.80
CA THR C 161 -20.88 -15.65 7.93
C THR C 161 -19.47 -15.09 7.82
N ALA C 162 -19.36 -13.88 7.27
CA ALA C 162 -18.07 -13.27 7.06
C ALA C 162 -18.10 -11.80 7.46
N ILE C 163 -16.91 -11.27 7.77
CA ILE C 163 -16.71 -9.85 7.91
C ILE C 163 -15.54 -9.46 7.02
N VAL C 164 -15.47 -8.19 6.68
CA VAL C 164 -14.26 -7.61 6.10
C VAL C 164 -13.47 -7.02 7.27
N PRO C 165 -12.19 -7.35 7.40
CA PRO C 165 -11.42 -6.84 8.54
C PRO C 165 -11.28 -5.32 8.50
N ARG C 166 -11.51 -4.70 9.66
CA ARG C 166 -11.22 -3.30 9.86
C ARG C 166 -9.73 -3.05 9.97
N HIS C 167 -8.97 -4.02 10.47
CA HIS C 167 -7.61 -3.76 10.87
C HIS C 167 -6.57 -4.49 10.05
N VAL C 168 -6.99 -5.35 9.11
CA VAL C 168 -6.09 -6.26 8.43
C VAL C 168 -6.31 -6.19 6.93
N ARG C 169 -5.23 -6.28 6.16
CA ARG C 169 -5.28 -6.43 4.72
C ARG C 169 -4.43 -7.62 4.31
N ARG C 170 -4.69 -8.14 3.12
CA ARG C 170 -3.88 -9.23 2.60
C ARG C 170 -2.51 -8.73 2.19
N ALA C 171 -1.47 -9.48 2.55
CA ALA C 171 -0.14 -9.17 2.05
C ALA C 171 -0.17 -9.18 0.52
N GLY C 172 0.53 -8.21 -0.10
CA GLY C 172 0.56 -8.09 -1.54
C GLY C 172 1.60 -8.98 -2.21
N ARG C 173 1.46 -9.13 -3.53
CA ARG C 173 2.34 -10.00 -4.32
C ARG C 173 3.80 -9.57 -4.26
N ASN C 174 4.07 -8.30 -3.98
CA ASN C 174 5.43 -7.80 -3.83
C ASN C 174 5.96 -7.90 -2.40
N THR C 175 5.20 -8.48 -1.47
CA THR C 175 5.69 -8.69 -0.11
C THR C 175 5.76 -10.19 0.16
N VAL C 176 4.82 -10.73 0.93
CA VAL C 176 4.70 -12.19 1.08
C VAL C 176 3.69 -12.61 0.03
N ASP C 177 4.21 -13.13 -1.10
CA ASP C 177 3.45 -13.30 -2.33
C ASP C 177 2.32 -14.31 -2.14
N PRO C 178 1.06 -13.87 -2.13
CA PRO C 178 -0.04 -14.80 -1.94
C PRO C 178 -0.30 -15.71 -3.15
N THR C 179 0.30 -15.45 -4.31
CA THR C 179 0.09 -16.33 -5.46
C THR C 179 0.95 -17.60 -5.41
N ILE C 180 1.78 -17.75 -4.39
CA ILE C 180 2.48 -19.02 -4.17
C ILE C 180 1.98 -19.47 -2.82
N ASN C 182 1.59 -20.75 0.71
CA ASN C 182 2.65 -20.64 1.70
C ASN C 182 2.02 -20.72 3.08
N TYR C 183 2.88 -20.93 4.09
CA TYR C 183 2.50 -21.06 5.48
C TYR C 183 2.51 -19.73 6.23
N GLN C 184 2.75 -18.63 5.54
CA GLN C 184 2.91 -17.34 6.20
C GLN C 184 1.52 -16.71 6.32
N TRP C 185 0.86 -17.05 7.43
CA TRP C 185 -0.55 -16.73 7.62
C TRP C 185 -0.74 -15.53 8.54
N GLY C 186 0.30 -14.73 8.76
CA GLY C 186 0.24 -13.67 9.76
C GLY C 186 -0.99 -12.79 9.61
N ASP C 187 -1.29 -12.38 8.38
CA ASP C 187 -2.48 -11.56 8.11
C ASP C 187 -3.76 -12.39 8.16
N LEU C 188 -3.72 -13.62 7.62
CA LEU C 188 -4.89 -14.48 7.68
C LEU C 188 -5.24 -14.83 9.13
N THR C 189 -4.24 -15.18 9.93
CA THR C 189 -4.49 -15.44 11.34
C THR C 189 -5.08 -14.21 12.01
N ALA C 190 -4.51 -13.03 11.73
CA ALA C 190 -5.04 -11.79 12.31
C ALA C 190 -6.50 -11.58 11.91
N ALA C 191 -6.82 -11.77 10.62
CA ALA C 191 -8.20 -11.59 10.15
C ALA C 191 -9.13 -12.61 10.77
N SER C 192 -8.68 -13.86 10.92
CA SER C 192 -9.53 -14.86 11.56
C SER C 192 -9.88 -14.45 12.99
N PHE C 193 -8.89 -13.95 13.73
CA PHE C 193 -9.16 -13.50 15.08
C PHE C 193 -10.14 -12.33 15.10
N GLU C 194 -10.00 -11.38 14.16
CA GLU C 194 -10.94 -10.27 14.11
C GLU C 194 -12.34 -10.77 13.78
N ALA C 195 -12.45 -11.73 12.87
CA ALA C 195 -13.75 -12.34 12.57
C ALA C 195 -14.37 -12.96 13.82
N LYS C 196 -13.59 -13.77 14.55
CA LYS C 196 -14.12 -14.38 15.76
C LYS C 196 -14.57 -13.33 16.78
N ASP C 197 -13.75 -12.30 16.99
CA ASP C 197 -14.10 -11.21 17.92
C ASP C 197 -15.44 -10.58 17.56
N ARG C 198 -15.72 -10.47 16.27
CA ARG C 198 -16.90 -9.80 15.79
C ARG C 198 -18.07 -10.77 15.57
N GLY C 199 -17.94 -12.01 16.03
CA GLY C 199 -19.06 -12.92 15.94
C GLY C 199 -19.32 -13.44 14.55
N ALA C 200 -18.35 -13.38 13.65
CA ALA C 200 -18.46 -13.96 12.31
C ALA C 200 -17.59 -15.21 12.20
N ARG C 201 -17.89 -16.06 11.25
CA ARG C 201 -17.12 -17.26 11.10
C ARG C 201 -15.82 -17.03 10.41
N THR C 202 -15.75 -16.11 9.47
CA THR C 202 -14.49 -15.91 8.75
C THR C 202 -14.38 -14.48 8.24
N ALA C 203 -13.23 -14.19 7.58
CA ALA C 203 -12.92 -12.87 7.05
C ALA C 203 -12.66 -12.94 5.55
N ILE C 204 -13.09 -11.91 4.84
CA ILE C 204 -12.69 -11.68 3.46
C ILE C 204 -11.74 -10.49 3.46
N LEU C 205 -10.49 -10.72 3.10
CA LEU C 205 -9.47 -9.69 3.15
C LEU C 205 -9.43 -8.86 1.87
N LEU C 206 -9.18 -7.55 2.00
CA LEU C 206 -8.88 -6.71 0.85
C LEU C 206 -7.37 -6.61 0.65
N ASP C 207 -6.98 -6.23 -0.54
CA ASP C 207 -5.58 -5.87 -0.78
C ASP C 207 -5.42 -4.35 -0.60
N SER C 208 -4.25 -3.82 -0.95
CA SER C 208 -3.91 -2.45 -0.59
C SER C 208 -4.66 -1.43 -1.43
N ASP C 209 -5.26 -1.85 -2.54
CA ASP C 209 -6.09 -0.97 -3.36
C ASP C 209 -7.57 -1.16 -3.08
N ASN C 210 -7.93 -1.83 -1.98
CA ASN C 210 -9.31 -2.14 -1.60
C ASN C 210 -10.00 -3.05 -2.62
N CYS C 211 -9.22 -3.81 -3.39
CA CYS C 211 -9.80 -4.89 -4.17
C CYS C 211 -9.82 -6.17 -3.33
N VAL C 212 -10.80 -7.03 -3.59
CA VAL C 212 -10.85 -8.30 -2.90
C VAL C 212 -9.57 -9.08 -3.17
N ALA C 213 -9.06 -9.71 -2.11
CA ALA C 213 -7.91 -10.57 -2.19
C ALA C 213 -8.40 -11.99 -1.99
N GLU C 214 -8.41 -12.50 -0.78
CA GLU C 214 -8.89 -13.84 -0.48
C GLU C 214 -9.17 -13.90 1.01
N GLY C 215 -9.50 -15.09 1.48
CA GLY C 215 -9.76 -15.30 2.89
C GLY C 215 -8.72 -16.23 3.47
N PRO C 216 -8.79 -16.48 4.78
CA PRO C 216 -7.83 -17.38 5.41
C PRO C 216 -7.98 -18.81 4.91
N GLY C 217 -7.24 -19.19 3.87
CA GLY C 217 -7.31 -20.55 3.37
C GLY C 217 -8.30 -20.78 2.26
N PHE C 218 -8.82 -19.73 1.63
CA PHE C 218 -9.82 -19.92 0.60
C PHE C 218 -9.82 -18.75 -0.36
N ASN C 219 -10.19 -19.04 -1.61
CA ASN C 219 -10.53 -18.00 -2.54
C ASN C 219 -11.98 -17.58 -2.32
N VAL C 220 -12.32 -16.40 -2.85
CA VAL C 220 -13.67 -15.86 -2.76
C VAL C 220 -14.17 -15.65 -4.17
N CYS C 221 -15.38 -16.09 -4.44
CA CYS C 221 -16.03 -15.83 -5.72
C CYS C 221 -17.25 -14.96 -5.49
N ILE C 222 -17.44 -13.98 -6.36
CA ILE C 222 -18.47 -12.98 -6.23
C ILE C 222 -19.45 -13.18 -7.37
N VAL C 223 -20.74 -13.29 -7.05
CA VAL C 223 -21.78 -13.43 -8.07
C VAL C 223 -22.56 -12.13 -8.14
N LYS C 224 -22.65 -11.57 -9.35
CA LYS C 224 -23.44 -10.36 -9.57
C LYS C 224 -24.05 -10.41 -10.97
N ASP C 225 -25.39 -10.26 -11.04
CA ASP C 225 -26.13 -10.23 -12.30
C ASP C 225 -25.84 -11.45 -13.16
N GLY C 226 -25.91 -12.63 -12.54
CA GLY C 226 -25.69 -13.88 -13.25
C GLY C 226 -24.26 -14.17 -13.67
N LYS C 227 -23.31 -13.30 -13.35
CA LYS C 227 -21.91 -13.52 -13.67
C LYS C 227 -21.09 -13.84 -12.42
N LEU C 228 -20.03 -14.60 -12.62
CA LEU C 228 -19.15 -15.02 -11.53
C LEU C 228 -17.79 -14.37 -11.72
N ALA C 229 -17.27 -13.78 -10.64
CA ALA C 229 -15.95 -13.16 -10.68
C ALA C 229 -15.14 -13.61 -9.48
N SER C 230 -13.81 -13.60 -9.67
CA SER C 230 -12.89 -13.93 -8.61
C SER C 230 -11.61 -13.12 -8.78
N PRO C 231 -11.02 -12.66 -7.68
CA PRO C 231 -9.82 -11.82 -7.76
C PRO C 231 -8.69 -12.46 -8.55
N SER C 232 -8.04 -11.66 -9.38
CA SER C 232 -6.94 -12.12 -10.20
C SER C 232 -5.57 -11.85 -9.60
N ARG C 233 -5.40 -10.78 -8.81
CA ARG C 233 -4.05 -10.38 -8.41
C ARG C 233 -3.61 -11.00 -7.07
N ASN C 234 -4.14 -10.50 -5.96
CA ASN C 234 -3.62 -10.88 -4.64
C ASN C 234 -4.40 -12.06 -4.06
N ALA C 235 -4.36 -13.16 -4.78
CA ALA C 235 -5.06 -14.36 -4.36
C ALA C 235 -4.34 -15.57 -4.93
N LEU C 236 -4.37 -16.68 -4.20
CA LEU C 236 -3.82 -17.90 -4.74
C LEU C 236 -4.62 -18.32 -5.97
N PRO C 237 -3.96 -18.71 -7.06
CA PRO C 237 -4.69 -19.37 -8.17
C PRO C 237 -5.16 -20.76 -7.75
N GLY C 238 -6.33 -20.82 -7.11
CA GLY C 238 -6.76 -22.04 -6.47
C GLY C 238 -7.28 -23.07 -7.45
N ILE C 239 -7.07 -24.33 -7.10
CA ILE C 239 -7.58 -25.45 -7.90
C ILE C 239 -9.08 -25.59 -7.71
N THR C 240 -9.56 -25.38 -6.48
CA THR C 240 -10.99 -25.39 -6.28
C THR C 240 -11.67 -24.30 -7.08
N ARG C 241 -11.05 -23.10 -7.10
CA ARG C 241 -11.54 -22.02 -7.94
C ARG C 241 -11.50 -22.39 -9.41
N LYS C 242 -10.40 -23.02 -9.83
CA LYS C 242 -10.34 -23.51 -11.21
C LYS C 242 -11.48 -24.49 -11.48
N THR C 243 -11.73 -25.41 -10.54
CA THR C 243 -12.84 -26.35 -10.71
C THR C 243 -14.17 -25.60 -10.77
N VAL C 244 -14.33 -24.61 -9.90
CA VAL C 244 -15.56 -23.82 -9.90
C VAL C 244 -15.73 -23.11 -11.24
N PHE C 245 -14.63 -22.60 -11.80
CA PHE C 245 -14.76 -21.90 -13.08
C PHE C 245 -15.08 -22.86 -14.22
N GLU C 246 -14.56 -24.09 -14.16
CA GLU C 246 -14.92 -25.08 -15.19
C GLU C 246 -16.39 -25.46 -15.07
N ILE C 247 -16.88 -25.67 -13.84
CA ILE C 247 -18.27 -25.99 -13.61
C ILE C 247 -19.18 -24.87 -14.14
N ALA C 248 -18.86 -23.61 -13.82
CA ALA C 248 -19.69 -22.51 -14.28
C ALA C 248 -19.69 -22.42 -15.81
N ASP C 249 -18.53 -22.56 -16.43
CA ASP C 249 -18.45 -22.53 -17.89
C ASP C 249 -19.33 -23.61 -18.51
N GLN C 250 -19.34 -24.80 -17.91
CA GLN C 250 -20.21 -25.87 -18.39
C GLN C 250 -21.68 -25.50 -18.23
N MET C 251 -22.00 -24.74 -17.19
CA MET C 251 -23.35 -24.26 -16.95
C MET C 251 -23.71 -23.04 -17.78
N GLY C 252 -22.81 -22.55 -18.63
CA GLY C 252 -23.06 -21.35 -19.39
C GLY C 252 -22.95 -20.05 -18.61
N ILE C 253 -22.36 -20.07 -17.43
CA ILE C 253 -22.18 -18.85 -16.64
C ILE C 253 -20.85 -18.24 -16.99
N GLU C 254 -20.84 -16.94 -17.30
CA GLU C 254 -19.59 -16.24 -17.57
C GLU C 254 -18.83 -16.03 -16.26
N ALA C 255 -17.63 -16.61 -16.18
CA ALA C 255 -16.79 -16.55 -14.99
C ALA C 255 -15.47 -15.91 -15.35
N THR C 256 -15.07 -14.89 -14.59
CA THR C 256 -13.96 -14.04 -14.99
C THR C 256 -13.03 -13.83 -13.81
N LEU C 257 -11.74 -14.00 -14.05
CA LEU C 257 -10.71 -13.62 -13.10
C LEU C 257 -10.39 -12.16 -13.37
N ARG C 258 -10.64 -11.31 -12.39
CA ARG C 258 -10.46 -9.88 -12.58
C ARG C 258 -10.38 -9.23 -11.22
N ASP C 259 -10.02 -7.95 -11.23
CA ASP C 259 -10.14 -7.14 -10.04
C ASP C 259 -11.59 -7.03 -9.66
N VAL C 260 -11.88 -7.33 -8.40
CA VAL C 260 -13.19 -7.14 -7.80
C VAL C 260 -13.01 -6.09 -6.72
N THR C 261 -13.63 -4.94 -6.88
CA THR C 261 -13.45 -3.88 -5.91
C THR C 261 -14.26 -4.15 -4.64
N SER C 262 -13.93 -3.40 -3.58
CA SER C 262 -14.70 -3.53 -2.34
C SER C 262 -16.15 -3.11 -2.53
N HIS C 263 -16.43 -2.14 -3.40
CA HIS C 263 -17.83 -1.86 -3.75
C HIS C 263 -18.53 -3.11 -4.25
N GLU C 264 -17.90 -3.83 -5.17
CA GLU C 264 -18.56 -5.00 -5.74
C GLU C 264 -18.74 -6.09 -4.70
N LEU C 265 -17.76 -6.23 -3.79
CA LEU C 265 -17.86 -7.22 -2.71
C LEU C 265 -19.09 -6.97 -1.85
N TYR C 266 -19.31 -5.71 -1.48
CA TYR C 266 -20.45 -5.38 -0.64
C TYR C 266 -21.75 -5.39 -1.41
N ASP C 267 -21.70 -5.29 -2.73
CA ASP C 267 -22.90 -5.23 -3.57
C ASP C 267 -23.25 -6.58 -4.16
N ALA C 268 -22.60 -7.65 -3.70
CA ALA C 268 -22.72 -8.94 -4.37
C ALA C 268 -24.12 -9.54 -4.22
N ASP C 269 -24.56 -10.25 -5.27
CA ASP C 269 -25.78 -11.05 -5.17
C ASP C 269 -25.53 -12.34 -4.41
N GLU C 270 -24.34 -12.92 -4.60
CA GLU C 270 -23.91 -14.09 -3.86
C GLU C 270 -22.43 -13.98 -3.60
N LEU C 271 -21.98 -14.60 -2.52
CA LEU C 271 -20.58 -14.70 -2.18
C LEU C 271 -20.28 -16.14 -1.80
N MET C 272 -19.10 -16.62 -2.14
CA MET C 272 -18.78 -17.97 -1.75
C MET C 272 -17.29 -18.08 -1.50
N ALA C 273 -16.94 -18.98 -0.61
CA ALA C 273 -15.57 -19.37 -0.35
C ALA C 273 -15.29 -20.70 -1.03
N VAL C 274 -14.14 -20.80 -1.69
CA VAL C 274 -13.78 -22.03 -2.38
C VAL C 274 -12.36 -22.41 -1.98
N THR C 275 -12.20 -23.67 -1.58
CA THR C 275 -10.94 -24.22 -1.11
C THR C 275 -11.04 -25.73 -1.08
N THR C 276 -9.87 -26.38 -1.20
CA THR C 276 -9.80 -27.84 -1.28
C THR C 276 -10.40 -28.48 -0.04
N ALA C 277 -10.12 -27.90 1.14
CA ALA C 277 -10.57 -28.46 2.40
C ALA C 277 -12.02 -28.03 2.66
N GLY C 278 -12.93 -28.72 2.01
CA GLY C 278 -14.36 -28.52 2.22
C GLY C 278 -15.13 -28.04 1.02
N GLY C 279 -14.46 -27.62 -0.05
CA GLY C 279 -15.16 -27.26 -1.27
C GLY C 279 -15.67 -25.83 -1.35
N VAL C 280 -16.97 -25.70 -1.60
CA VAL C 280 -17.61 -24.44 -1.94
C VAL C 280 -18.54 -24.09 -0.79
N THR C 281 -18.25 -23.00 -0.10
CA THR C 281 -19.02 -22.62 1.07
C THR C 281 -19.85 -21.38 0.77
N PRO C 282 -21.18 -21.43 0.87
CA PRO C 282 -21.96 -20.21 0.74
C PRO C 282 -21.65 -19.27 1.89
N ILE C 283 -21.63 -17.98 1.60
CA ILE C 283 -21.44 -16.94 2.60
C ILE C 283 -22.74 -16.15 2.67
N ASN C 284 -23.49 -16.32 3.77
CA ASN C 284 -24.85 -15.81 3.87
C ASN C 284 -24.90 -14.32 4.13
N SER C 285 -23.90 -13.79 4.81
CA SER C 285 -23.91 -12.39 5.20
C SER C 285 -22.49 -11.86 5.25
N LEU C 286 -22.37 -10.55 5.04
CA LEU C 286 -21.11 -9.82 5.10
C LEU C 286 -21.31 -8.67 6.08
N ASP C 287 -20.45 -8.61 7.10
CA ASP C 287 -20.55 -7.57 8.13
C ASP C 287 -21.95 -7.55 8.74
N GLY C 288 -22.53 -8.72 8.95
CA GLY C 288 -23.85 -8.80 9.53
C GLY C 288 -25.00 -8.47 8.60
N GLU C 289 -24.75 -8.11 7.35
CA GLU C 289 -25.80 -7.80 6.39
C GLU C 289 -26.02 -9.01 5.48
N ALA C 290 -27.28 -9.42 5.33
CA ALA C 290 -27.60 -10.54 4.47
C ALA C 290 -27.08 -10.30 3.05
N ILE C 291 -26.46 -11.32 2.47
CA ILE C 291 -26.16 -11.34 1.04
C ILE C 291 -27.34 -12.06 0.38
N GLY C 292 -28.02 -11.39 -0.54
CA GLY C 292 -29.25 -11.98 -1.06
C GLY C 292 -30.26 -12.13 0.07
N ASN C 293 -30.90 -13.30 0.16
CA ASN C 293 -31.88 -13.58 1.20
C ASN C 293 -31.23 -14.16 2.47
N GLY C 294 -29.92 -14.00 2.63
CA GLY C 294 -29.28 -14.49 3.83
C GLY C 294 -29.15 -16.00 3.90
N ALA C 295 -29.39 -16.69 2.79
CA ALA C 295 -29.25 -18.13 2.68
C ALA C 295 -28.43 -18.43 1.43
N PRO C 296 -27.95 -19.67 1.27
CA PRO C 296 -27.14 -19.99 0.09
C PRO C 296 -27.84 -19.60 -1.20
N GLY C 297 -27.10 -18.88 -2.05
CA GLY C 297 -27.64 -18.38 -3.29
C GLY C 297 -27.78 -19.48 -4.32
N PRO C 298 -28.64 -19.24 -5.32
CA PRO C 298 -28.91 -20.32 -6.29
C PRO C 298 -27.69 -20.79 -7.05
N MET C 299 -26.87 -19.87 -7.57
CA MET C 299 -25.69 -20.28 -8.31
C MET C 299 -24.71 -21.02 -7.41
N THR C 300 -24.57 -20.57 -6.15
CA THR C 300 -23.64 -21.26 -5.26
C THR C 300 -24.06 -22.69 -5.01
N VAL C 301 -25.36 -22.89 -4.74
CA VAL C 301 -25.88 -24.23 -4.51
C VAL C 301 -25.64 -25.11 -5.74
N ALA C 302 -25.93 -24.60 -6.94
CA ALA C 302 -25.71 -25.36 -8.16
C ALA C 302 -24.23 -25.75 -8.32
N ILE C 303 -23.34 -24.77 -8.14
CA ILE C 303 -21.92 -25.06 -8.29
C ILE C 303 -21.46 -26.02 -7.21
N ARG C 304 -21.89 -25.79 -5.96
CA ARG C 304 -21.45 -26.64 -4.86
C ARG C 304 -21.92 -28.07 -5.04
N ASP C 305 -23.17 -28.26 -5.46
CA ASP C 305 -23.69 -29.61 -5.66
C ASP C 305 -22.96 -30.30 -6.81
N ARG C 306 -22.74 -29.59 -7.91
CA ARG C 306 -21.97 -30.20 -9.00
C ARG C 306 -20.56 -30.57 -8.54
N PHE C 307 -19.95 -29.72 -7.72
CA PHE C 307 -18.59 -29.98 -7.25
C PHE C 307 -18.48 -31.29 -6.49
N TRP C 308 -19.42 -31.57 -5.59
CA TRP C 308 -19.31 -32.81 -4.83
C TRP C 308 -19.63 -34.03 -5.68
N ALA C 309 -20.44 -33.88 -6.73
CA ALA C 309 -20.69 -34.99 -7.64
C ALA C 309 -19.41 -35.42 -8.36
N LEU C 310 -18.52 -34.47 -8.65
CA LEU C 310 -17.26 -34.77 -9.34
C LEU C 310 -16.42 -35.77 -8.58
N MET C 311 -16.60 -35.83 -7.26
CA MET C 311 -15.77 -36.71 -6.43
C MET C 311 -16.08 -38.19 -6.66
N ASP C 312 -17.22 -38.52 -7.27
CA ASP C 312 -17.62 -39.91 -7.45
C ASP C 312 -17.61 -40.38 -8.90
N GLU C 313 -17.52 -39.47 -9.86
CA GLU C 313 -17.59 -39.83 -11.27
C GLU C 313 -16.20 -40.13 -11.82
N PRO C 314 -15.95 -41.33 -12.35
CA PRO C 314 -14.64 -41.62 -12.94
C PRO C 314 -14.35 -40.66 -14.09
N GLY C 315 -13.11 -40.19 -14.13
CA GLY C 315 -12.73 -39.19 -15.10
C GLY C 315 -11.38 -38.58 -14.77
N PRO C 316 -10.96 -37.62 -15.59
CA PRO C 316 -9.60 -37.05 -15.41
C PRO C 316 -9.40 -36.32 -14.09
N LEU C 317 -10.48 -35.82 -13.47
CA LEU C 317 -10.35 -35.04 -12.24
C LEU C 317 -10.01 -35.90 -11.04
N ILE C 318 -10.38 -37.19 -11.05
CA ILE C 318 -10.18 -38.02 -9.88
C ILE C 318 -9.37 -39.26 -10.24
N GLU C 319 -8.70 -39.82 -9.25
CA GLU C 319 -8.00 -41.08 -9.42
C GLU C 319 -8.23 -41.92 -8.19
N ALA C 320 -8.67 -43.17 -8.39
CA ALA C 320 -8.97 -44.02 -7.26
C ALA C 320 -7.70 -44.43 -6.57
N ILE C 321 -7.66 -44.30 -5.25
CA ILE C 321 -6.58 -44.86 -4.46
C ILE C 321 -6.80 -46.37 -4.34
N GLU C 322 -5.73 -47.13 -4.51
CA GLU C 322 -5.79 -48.58 -4.37
C GLU C 322 -5.32 -48.89 -2.96
N TYR C 323 -6.26 -49.19 -2.09
CA TYR C 323 -5.94 -49.52 -0.72
C TYR C 323 -5.63 -51.01 -0.67
N ALA D 3 2.52 28.89 -30.53
CA ALA D 3 2.43 29.13 -31.99
C ALA D 3 1.75 27.92 -32.74
N ILE D 4 1.66 28.01 -34.03
CA ILE D 4 0.94 27.06 -34.78
C ILE D 4 1.57 25.68 -35.01
N ARG D 5 2.89 25.60 -35.09
CA ARG D 5 3.54 24.36 -35.31
C ARG D 5 4.95 24.35 -34.86
N GLU D 6 5.53 23.18 -34.94
CA GLU D 6 6.87 22.93 -34.49
C GLU D 6 7.46 22.00 -35.48
N ASP D 7 8.76 21.85 -35.43
CA ASP D 7 9.42 21.03 -36.39
C ASP D 7 9.18 19.60 -36.07
N THR D 8 9.16 18.80 -37.09
CA THR D 8 9.11 17.37 -36.94
C THR D 8 10.21 16.80 -37.84
N PRO D 9 10.76 15.64 -37.50
CA PRO D 9 11.87 15.10 -38.29
C PRO D 9 11.47 14.97 -39.75
N PRO D 10 12.30 15.48 -40.66
CA PRO D 10 11.91 15.51 -42.07
C PRO D 10 11.70 14.10 -42.60
N GLY D 11 10.60 13.93 -43.34
CA GLY D 11 10.25 12.64 -43.91
C GLY D 11 9.59 11.65 -42.98
N SER D 12 9.41 11.99 -41.70
CA SER D 12 8.74 11.11 -40.76
C SER D 12 7.22 11.17 -40.93
N VAL D 13 6.55 10.19 -40.31
CA VAL D 13 5.10 10.06 -40.35
C VAL D 13 4.36 11.22 -39.68
N ILE D 14 5.07 12.09 -38.97
CA ILE D 14 4.47 13.18 -38.22
C ILE D 14 4.77 14.47 -38.98
N GLN D 15 3.76 15.08 -39.59
CA GLN D 15 3.94 16.33 -40.30
C GLN D 15 2.74 17.25 -40.05
N TYR D 16 3.02 18.47 -39.64
CA TYR D 16 1.97 19.48 -39.48
C TYR D 16 1.36 19.85 -40.82
N SER D 17 0.17 20.47 -40.73
CA SER D 17 -0.53 20.99 -41.90
C SER D 17 0.06 22.32 -42.31
N ASP D 18 -0.28 22.69 -43.50
CA ASP D 18 0.56 23.63 -44.18
C ASP D 18 -0.42 24.75 -44.57
N TYR D 19 -0.44 25.85 -43.79
CA TYR D 19 -1.51 26.86 -43.83
C TYR D 19 -1.12 28.04 -42.94
N GLU D 20 -1.92 29.09 -42.98
CA GLU D 20 -1.67 30.24 -42.12
C GLU D 20 -2.94 30.68 -41.41
N LEU D 21 -2.76 31.33 -40.25
CA LEU D 21 -3.91 31.83 -39.50
C LEU D 21 -4.44 33.12 -40.07
N ASP D 22 -5.77 33.23 -40.10
CA ASP D 22 -6.46 34.44 -40.49
C ASP D 22 -6.67 35.27 -39.23
N HIS D 23 -5.72 36.19 -38.97
CA HIS D 23 -5.74 36.97 -37.73
C HIS D 23 -6.80 38.06 -37.72
N SER D 24 -7.67 38.11 -38.73
CA SER D 24 -8.81 39.02 -38.67
C SER D 24 -9.73 38.66 -37.52
N SER D 25 -9.93 37.36 -37.29
CA SER D 25 -10.73 36.88 -36.17
C SER D 25 -9.89 36.89 -34.89
N PRO D 26 -10.43 37.41 -33.78
CA PRO D 26 -9.67 37.36 -32.52
C PRO D 26 -9.47 35.96 -32.00
N PHE D 27 -10.27 34.99 -32.42
CA PHE D 27 -10.10 33.67 -31.88
C PHE D 27 -8.95 32.90 -32.53
N ALA D 28 -8.40 33.38 -33.65
CA ALA D 28 -7.35 32.64 -34.33
C ALA D 28 -6.20 32.33 -33.37
N GLY D 29 -5.85 31.04 -33.27
CA GLY D 29 -4.73 30.59 -32.46
C GLY D 29 -5.09 30.03 -31.09
N GLY D 30 -6.29 30.32 -30.59
CA GLY D 30 -6.74 29.80 -29.31
C GLY D 30 -8.16 30.19 -28.98
N VAL D 31 -9.01 29.20 -28.72
CA VAL D 31 -10.42 29.41 -28.39
C VAL D 31 -10.72 28.66 -27.10
N ALA D 32 -11.36 29.35 -26.17
CA ALA D 32 -11.86 28.76 -24.94
C ALA D 32 -13.37 28.96 -24.84
N TRP D 33 -14.07 27.92 -24.44
CA TRP D 33 -15.50 27.99 -24.16
C TRP D 33 -15.72 27.86 -22.65
N ILE D 34 -16.06 28.97 -22.01
CA ILE D 34 -16.16 29.06 -20.56
C ILE D 34 -17.48 29.73 -20.19
N GLU D 35 -18.29 29.04 -19.39
CA GLU D 35 -19.57 29.56 -18.91
C GLU D 35 -20.47 29.96 -20.08
N GLY D 36 -20.46 29.13 -21.14
CA GLY D 36 -21.32 29.34 -22.27
C GLY D 36 -20.80 30.30 -23.33
N GLU D 37 -19.71 31.03 -23.08
CA GLU D 37 -19.24 32.07 -23.98
C GLU D 37 -17.88 31.69 -24.58
N PHE D 38 -17.79 31.74 -25.91
CA PHE D 38 -16.52 31.54 -26.59
C PHE D 38 -15.60 32.72 -26.35
N LEU D 39 -14.32 32.44 -26.16
CA LEU D 39 -13.34 33.48 -25.92
C LEU D 39 -12.06 33.12 -26.66
N PRO D 40 -11.23 34.12 -26.98
CA PRO D 40 -9.87 33.77 -27.39
C PRO D 40 -9.19 33.13 -26.19
N ALA D 41 -8.39 32.08 -26.45
CA ALA D 41 -7.75 31.35 -25.36
C ALA D 41 -6.95 32.26 -24.48
N GLU D 42 -6.48 33.36 -25.04
CA GLU D 42 -5.73 34.34 -24.31
C GLU D 42 -6.55 34.98 -23.20
N ASP D 43 -7.86 34.99 -23.38
CA ASP D 43 -8.80 35.53 -22.35
C ASP D 43 -9.42 34.46 -21.45
N ALA D 44 -9.05 33.19 -21.63
CA ALA D 44 -9.68 32.09 -20.90
C ALA D 44 -9.43 32.19 -19.41
N LYS D 45 -10.49 32.40 -18.63
CA LYS D 45 -10.38 32.54 -17.18
C LYS D 45 -11.53 31.81 -16.52
N ILE D 46 -11.28 31.27 -15.33
CA ILE D 46 -12.29 30.58 -14.54
C ILE D 46 -12.28 31.18 -13.13
N SER D 47 -13.41 31.04 -12.44
CA SER D 47 -13.48 31.53 -11.07
C SER D 47 -12.45 30.82 -10.20
N ILE D 48 -11.74 31.58 -9.37
CA ILE D 48 -10.81 30.97 -8.42
C ILE D 48 -11.55 30.09 -7.41
N PHE D 49 -12.85 30.31 -7.23
CA PHE D 49 -13.64 29.59 -6.25
C PHE D 49 -14.29 28.34 -6.83
N ASP D 50 -13.99 28.01 -8.07
CA ASP D 50 -14.48 26.76 -8.67
C ASP D 50 -13.80 25.58 -7.97
N THR D 51 -14.62 24.72 -7.36
CA THR D 51 -14.10 23.56 -6.64
C THR D 51 -13.01 22.85 -7.44
N GLY D 52 -13.30 22.58 -8.70
CA GLY D 52 -12.33 21.98 -9.62
C GLY D 52 -10.95 22.58 -9.46
N PHE D 53 -10.88 23.81 -8.95
CA PHE D 53 -9.59 24.33 -8.56
C PHE D 53 -9.30 23.90 -7.12
N GLY D 54 -10.15 24.31 -6.17
CA GLY D 54 -9.85 24.13 -4.75
C GLY D 54 -9.83 22.68 -4.28
N HIS D 55 -10.64 21.81 -4.87
CA HIS D 55 -10.59 20.38 -4.54
C HIS D 55 -10.18 19.52 -5.72
N SER D 56 -9.74 20.12 -6.82
CA SER D 56 -9.50 19.38 -8.06
C SER D 56 -10.68 18.44 -8.33
N ASP D 57 -11.89 18.93 -8.02
CA ASP D 57 -13.11 18.13 -8.10
C ASP D 57 -13.65 18.21 -9.53
N LEU D 58 -13.06 17.37 -10.39
CA LEU D 58 -13.33 17.45 -11.83
C LEU D 58 -12.89 16.16 -12.48
N THR D 59 -13.32 16.02 -13.73
CA THR D 59 -12.72 15.07 -14.66
C THR D 59 -12.62 15.74 -16.02
N TYR D 60 -11.90 15.11 -16.94
CA TYR D 60 -11.65 15.76 -18.20
C TYR D 60 -11.21 14.73 -19.24
N THR D 61 -11.20 15.18 -20.48
CA THR D 61 -10.58 14.40 -21.54
C THR D 61 -9.92 15.36 -22.51
N VAL D 62 -8.99 14.82 -23.29
CA VAL D 62 -8.27 15.57 -24.29
C VAL D 62 -8.36 14.79 -25.58
N ALA D 63 -8.91 15.40 -26.61
CA ALA D 63 -8.82 14.84 -27.95
C ALA D 63 -7.87 15.71 -28.77
N HIS D 64 -7.20 15.10 -29.74
CA HIS D 64 -6.29 15.89 -30.53
C HIS D 64 -6.87 16.06 -31.93
N VAL D 65 -6.56 17.20 -32.53
CA VAL D 65 -6.89 17.47 -33.92
C VAL D 65 -5.60 17.39 -34.70
N TRP D 66 -5.60 16.60 -35.77
CA TRP D 66 -4.45 16.51 -36.65
C TRP D 66 -4.92 16.66 -38.10
N HIS D 67 -4.33 17.63 -38.82
CA HIS D 67 -4.70 17.90 -40.22
C HIS D 67 -6.20 18.19 -40.35
N GLY D 68 -6.73 19.02 -39.45
CA GLY D 68 -8.14 19.39 -39.47
C GLY D 68 -9.12 18.29 -39.13
N ASN D 69 -8.66 17.10 -38.77
CA ASN D 69 -9.51 15.99 -38.38
C ASN D 69 -9.38 15.76 -36.87
N ILE D 70 -10.51 15.71 -36.18
CA ILE D 70 -10.54 15.38 -34.76
C ILE D 70 -10.64 13.87 -34.61
N PHE D 71 -9.89 13.31 -33.66
CA PHE D 71 -9.68 11.87 -33.58
C PHE D 71 -10.48 11.27 -32.43
N ARG D 72 -11.42 10.38 -32.76
CA ARG D 72 -12.20 9.60 -31.81
C ARG D 72 -12.92 10.47 -30.78
N LEU D 73 -13.51 11.57 -31.24
CA LEU D 73 -14.21 12.47 -30.32
C LEU D 73 -15.32 11.75 -29.58
N GLY D 74 -15.99 10.80 -30.24
CA GLY D 74 -17.08 10.11 -29.58
C GLY D 74 -16.61 9.27 -28.41
N ASP D 75 -15.53 8.50 -28.59
CA ASP D 75 -14.99 7.72 -27.49
C ASP D 75 -14.55 8.61 -26.35
N HIS D 76 -14.02 9.78 -26.67
CA HIS D 76 -13.60 10.72 -25.63
C HIS D 76 -14.79 11.31 -24.87
N LEU D 77 -15.89 11.60 -25.57
CA LEU D 77 -17.06 12.12 -24.87
C LEU D 77 -17.69 11.04 -24.01
N ASP D 78 -17.72 9.80 -24.50
CA ASP D 78 -18.21 8.69 -23.70
C ASP D 78 -17.42 8.55 -22.40
N ARG D 79 -16.08 8.56 -22.51
CA ARG D 79 -15.26 8.43 -21.31
C ARG D 79 -15.46 9.62 -20.37
N LEU D 80 -15.51 10.83 -20.93
CA LEU D 80 -15.67 12.03 -20.10
C LEU D 80 -16.97 11.98 -19.31
N LEU D 81 -18.06 11.56 -19.95
CA LEU D 81 -19.36 11.50 -19.30
C LEU D 81 -19.44 10.31 -18.34
N ASP D 82 -18.80 9.19 -18.70
CA ASP D 82 -18.78 8.04 -17.80
C ASP D 82 -18.03 8.38 -16.51
N GLY D 83 -16.87 9.03 -16.63
CA GLY D 83 -16.13 9.44 -15.45
C GLY D 83 -16.84 10.52 -14.65
N ALA D 84 -17.46 11.48 -15.34
CA ALA D 84 -18.19 12.52 -14.62
C ALA D 84 -19.34 11.93 -13.83
N ARG D 85 -20.04 10.94 -14.40
CA ARG D 85 -21.09 10.27 -13.66
C ARG D 85 -20.52 9.52 -12.45
N LYS D 86 -19.37 8.86 -12.62
CA LYS D 86 -18.72 8.19 -11.48
C LYS D 86 -18.40 9.17 -10.37
N LEU D 87 -18.12 10.43 -10.71
CA LEU D 87 -17.83 11.48 -9.75
C LEU D 87 -19.08 12.25 -9.32
N ARG D 88 -20.28 11.75 -9.65
CA ARG D 88 -21.53 12.45 -9.35
C ARG D 88 -21.53 13.85 -9.96
N LEU D 89 -20.94 13.98 -11.14
CA LEU D 89 -20.91 15.24 -11.87
C LEU D 89 -21.91 15.18 -13.01
N ASP D 90 -22.66 16.28 -13.20
CA ASP D 90 -23.62 16.42 -14.28
C ASP D 90 -23.18 17.60 -15.16
N ALA D 91 -22.71 17.29 -16.37
CA ALA D 91 -22.23 18.35 -17.26
C ALA D 91 -23.36 19.32 -17.62
N GLY D 92 -24.60 18.85 -17.65
CA GLY D 92 -25.73 19.64 -18.09
C GLY D 92 -25.89 19.73 -19.58
N TYR D 93 -24.99 19.14 -20.36
CA TYR D 93 -25.04 19.12 -21.81
C TYR D 93 -24.99 17.67 -22.26
N THR D 94 -25.67 17.38 -23.36
CA THR D 94 -25.63 16.03 -23.91
C THR D 94 -24.32 15.80 -24.67
N LYS D 95 -24.01 14.53 -24.94
CA LYS D 95 -22.81 14.20 -25.70
C LYS D 95 -22.85 14.83 -27.09
N ASP D 96 -23.96 14.63 -27.79
CA ASP D 96 -24.13 15.21 -29.13
C ASP D 96 -23.91 16.71 -29.11
N GLU D 97 -24.45 17.40 -28.10
CA GLU D 97 -24.25 18.83 -28.03
C GLU D 97 -22.79 19.19 -27.80
N LEU D 98 -22.17 18.59 -26.77
CA LEU D 98 -20.78 18.94 -26.43
C LEU D 98 -19.85 18.71 -27.61
N ALA D 99 -20.11 17.67 -28.40
CA ALA D 99 -19.37 17.48 -29.64
C ALA D 99 -19.49 18.71 -30.53
N ASP D 100 -20.71 19.22 -30.70
CA ASP D 100 -20.89 20.39 -31.56
C ASP D 100 -20.11 21.58 -31.03
N ILE D 101 -20.22 21.89 -29.74
CA ILE D 101 -19.42 22.99 -29.19
C ILE D 101 -17.94 22.72 -29.35
N THR D 102 -17.52 21.46 -29.19
CA THR D 102 -16.11 21.13 -29.30
C THR D 102 -15.61 21.32 -30.72
N LYS D 103 -16.25 20.66 -31.70
CA LYS D 103 -15.86 20.86 -33.09
C LYS D 103 -15.97 22.32 -33.47
N GLN D 104 -16.99 22.99 -32.95
CA GLN D 104 -17.14 24.41 -33.18
C GLN D 104 -15.97 25.17 -32.56
N CYS D 105 -15.50 24.74 -31.39
CA CYS D 105 -14.31 25.37 -30.82
C CYS D 105 -13.10 25.20 -31.74
N VAL D 106 -12.92 24.01 -32.29
CA VAL D 106 -11.78 23.82 -33.18
C VAL D 106 -11.94 24.68 -34.42
N SER D 107 -13.14 24.65 -35.01
CA SER D 107 -13.41 25.41 -36.23
C SER D 107 -13.03 26.88 -36.07
N MET D 108 -13.55 27.54 -35.06
CA MET D 108 -13.24 28.94 -34.84
C MET D 108 -11.76 29.15 -34.54
N SER D 109 -11.09 28.12 -34.04
CA SER D 109 -9.68 28.22 -33.74
C SER D 109 -8.85 28.37 -35.00
N GLN D 110 -9.31 27.78 -36.11
CA GLN D 110 -8.62 27.64 -37.37
C GLN D 110 -7.43 26.70 -37.25
N LEU D 111 -7.22 26.09 -36.08
CA LEU D 111 -6.06 25.23 -35.87
C LEU D 111 -6.31 23.91 -36.57
N ARG D 112 -5.40 23.55 -37.46
CA ARG D 112 -5.47 22.26 -38.12
C ARG D 112 -4.94 21.15 -37.24
N GLU D 113 -4.00 21.50 -36.35
CA GLU D 113 -3.48 20.61 -35.34
C GLU D 113 -3.79 21.22 -33.98
N SER D 114 -4.55 20.50 -33.17
CA SER D 114 -5.02 21.11 -31.94
C SER D 114 -5.05 20.12 -30.79
N PHE D 115 -4.85 20.67 -29.61
CA PHE D 115 -5.06 19.98 -28.35
C PHE D 115 -6.40 20.48 -27.83
N VAL D 116 -7.38 19.59 -27.73
CA VAL D 116 -8.75 19.94 -27.42
C VAL D 116 -9.08 19.37 -26.04
N ASN D 117 -9.38 20.24 -25.08
CA ASN D 117 -9.65 19.83 -23.71
C ASN D 117 -11.10 20.12 -23.36
N LEU D 118 -11.80 19.11 -22.86
CA LEU D 118 -13.11 19.25 -22.23
C LEU D 118 -13.00 18.90 -20.76
N THR D 119 -13.30 19.85 -19.88
CA THR D 119 -13.21 19.64 -18.44
C THR D 119 -14.59 19.85 -17.80
N VAL D 120 -14.99 18.93 -16.93
CA VAL D 120 -16.24 19.02 -16.17
C VAL D 120 -15.91 19.07 -14.68
N THR D 121 -16.26 20.18 -14.03
CA THR D 121 -15.96 20.47 -12.64
C THR D 121 -17.20 20.50 -11.76
N ARG D 122 -16.98 20.39 -10.45
CA ARG D 122 -18.05 20.55 -9.47
C ARG D 122 -18.59 21.97 -9.41
N GLY D 123 -17.82 22.95 -9.86
CA GLY D 123 -18.31 24.29 -9.96
C GLY D 123 -18.14 25.08 -8.67
N TYR D 124 -18.97 26.11 -8.55
CA TYR D 124 -18.95 26.99 -7.39
C TYR D 124 -20.39 27.24 -6.96
N GLY D 125 -20.53 27.81 -5.77
CA GLY D 125 -21.84 28.13 -5.21
C GLY D 125 -22.48 29.34 -5.86
N LEU D 136 -25.29 24.77 -5.99
CA LEU D 136 -23.98 24.48 -6.58
C LEU D 136 -24.12 23.96 -8.01
N THR D 137 -23.61 24.72 -8.98
CA THR D 137 -23.78 24.43 -10.40
C THR D 137 -22.48 23.94 -11.04
N HIS D 138 -22.54 22.77 -11.67
CA HIS D 138 -21.35 22.17 -12.24
C HIS D 138 -20.96 22.91 -13.53
N GLN D 139 -19.67 22.95 -13.79
CA GLN D 139 -19.11 23.76 -14.86
C GLN D 139 -18.47 22.89 -15.93
N VAL D 140 -18.71 23.26 -17.19
CA VAL D 140 -18.04 22.66 -18.34
C VAL D 140 -17.16 23.73 -18.95
N TYR D 141 -15.88 23.40 -19.15
CA TYR D 141 -14.93 24.27 -19.81
C TYR D 141 -14.35 23.51 -20.99
N ILE D 142 -14.25 24.17 -22.13
CA ILE D 142 -13.65 23.57 -23.32
C ILE D 142 -12.66 24.55 -23.91
N TYR D 143 -11.54 24.03 -24.39
CA TYR D 143 -10.65 24.86 -25.17
C TYR D 143 -9.97 24.01 -26.22
N ALA D 144 -9.65 24.64 -27.34
CA ALA D 144 -8.84 24.06 -28.40
C ALA D 144 -7.68 25.00 -28.62
N ILE D 145 -6.46 24.54 -28.33
CA ILE D 145 -5.28 25.40 -28.39
C ILE D 145 -4.28 24.68 -29.30
N PRO D 146 -3.12 25.28 -29.61
CA PRO D 146 -2.17 24.59 -30.50
C PRO D 146 -1.74 23.25 -29.92
N TYR D 147 -1.34 22.35 -30.83
CA TYR D 147 -0.98 20.99 -30.44
C TYR D 147 0.10 20.97 -29.37
N LEU D 148 -0.10 20.12 -28.36
CA LEU D 148 0.84 19.95 -27.26
C LEU D 148 1.43 18.55 -27.31
N TRP D 149 2.70 18.45 -26.96
CA TRP D 149 3.43 17.19 -27.04
C TRP D 149 3.84 16.75 -25.64
N ALA D 150 3.36 15.58 -25.20
CA ALA D 150 3.94 14.97 -24.01
C ALA D 150 5.42 14.74 -24.20
N PHE D 151 5.79 14.27 -25.39
CA PHE D 151 7.19 14.15 -25.78
C PHE D 151 7.37 14.84 -27.12
N PRO D 152 8.49 15.51 -27.32
CA PRO D 152 8.68 16.26 -28.56
C PRO D 152 8.58 15.35 -29.76
N PRO D 153 8.23 15.90 -30.94
CA PRO D 153 8.17 15.09 -32.15
C PRO D 153 9.44 14.30 -32.41
N ALA D 154 10.62 14.87 -32.12
CA ALA D 154 11.87 14.13 -32.27
C ALA D 154 11.86 12.86 -31.44
N GLU D 155 11.30 12.91 -30.24
CA GLU D 155 11.31 11.72 -29.41
C GLU D 155 10.24 10.73 -29.85
N GLN D 156 9.17 11.20 -30.46
CA GLN D 156 8.20 10.26 -31.04
C GLN D 156 8.86 9.39 -32.09
N ILE D 157 9.81 9.92 -32.84
CA ILE D 157 10.46 9.19 -33.93
C ILE D 157 11.65 8.39 -33.43
N PHE D 158 12.52 9.00 -32.63
CA PHE D 158 13.78 8.38 -32.24
C PHE D 158 13.77 7.87 -30.81
N GLY D 159 12.68 8.03 -30.08
CA GLY D 159 12.52 7.42 -28.79
C GLY D 159 12.96 8.31 -27.66
N THR D 160 12.43 8.02 -26.49
CA THR D 160 12.69 8.77 -25.27
C THR D 160 13.36 7.86 -24.25
N THR D 161 13.68 8.43 -23.10
CA THR D 161 14.33 7.72 -22.00
C THR D 161 13.47 7.82 -20.77
N ALA D 162 13.51 6.77 -19.94
CA ALA D 162 12.70 6.70 -18.73
C ALA D 162 13.47 6.13 -17.56
N ILE D 163 12.99 6.43 -16.37
CA ILE D 163 13.40 5.79 -15.13
C ILE D 163 12.16 5.30 -14.40
N VAL D 164 12.38 4.37 -13.49
CA VAL D 164 11.37 4.04 -12.50
C VAL D 164 11.70 4.87 -11.26
N PRO D 165 10.75 5.63 -10.71
CA PRO D 165 11.07 6.44 -9.53
C PRO D 165 11.51 5.59 -8.37
N ARG D 166 12.60 6.00 -7.72
CA ARG D 166 12.99 5.43 -6.43
C ARG D 166 12.05 5.87 -5.31
N HIS D 167 11.45 7.04 -5.43
CA HIS D 167 10.79 7.65 -4.28
C HIS D 167 9.30 7.84 -4.43
N VAL D 168 8.73 7.55 -5.59
CA VAL D 168 7.37 7.90 -5.93
C VAL D 168 6.64 6.67 -6.45
N ARG D 169 5.37 6.53 -6.09
CA ARG D 169 4.48 5.54 -6.67
C ARG D 169 3.22 6.21 -7.17
N ARG D 170 2.53 5.52 -8.07
CA ARG D 170 1.27 6.05 -8.57
C ARG D 170 0.18 5.85 -7.53
N ALA D 171 -0.65 6.87 -7.36
CA ALA D 171 -1.78 6.75 -6.46
C ALA D 171 -2.65 5.56 -6.88
N GLY D 172 -3.14 4.83 -5.91
CA GLY D 172 -3.98 3.69 -6.20
C GLY D 172 -5.43 4.08 -6.46
N ARG D 173 -6.16 3.12 -7.02
CA ARG D 173 -7.55 3.33 -7.42
C ARG D 173 -8.46 3.63 -6.25
N ASN D 174 -8.05 3.26 -5.03
CA ASN D 174 -8.81 3.52 -3.83
C ASN D 174 -8.38 4.81 -3.16
N THR D 175 -7.49 5.59 -3.77
CA THR D 175 -7.10 6.87 -3.21
C THR D 175 -7.55 7.96 -4.18
N VAL D 176 -6.61 8.54 -4.92
CA VAL D 176 -6.96 9.43 -6.04
C VAL D 176 -7.02 8.53 -7.27
N ASP D 177 -8.24 8.17 -7.65
CA ASP D 177 -8.50 7.08 -8.60
C ASP D 177 -7.90 7.42 -9.97
N PRO D 178 -6.87 6.70 -10.39
CA PRO D 178 -6.26 6.98 -11.71
C PRO D 178 -7.10 6.52 -12.89
N THR D 179 -8.13 5.71 -12.68
CA THR D 179 -9.00 5.27 -13.77
C THR D 179 -10.02 6.32 -14.17
N ILE D 180 -10.01 7.48 -13.53
CA ILE D 180 -10.82 8.61 -13.96
C ILE D 180 -9.86 9.76 -14.25
N ASN D 182 -7.87 12.91 -14.49
CA ASN D 182 -7.93 13.99 -13.50
C ASN D 182 -6.68 14.84 -13.49
N TYR D 183 -6.80 16.00 -12.85
CA TYR D 183 -5.74 16.99 -12.75
C TYR D 183 -4.88 16.79 -11.51
N GLN D 184 -5.08 15.71 -10.75
CA GLN D 184 -4.38 15.56 -9.48
C GLN D 184 -3.06 14.84 -9.78
N TRP D 185 -2.04 15.62 -10.11
CA TRP D 185 -0.79 15.08 -10.63
C TRP D 185 0.32 15.02 -9.59
N GLY D 186 -0.02 15.09 -8.29
CA GLY D 186 1.03 15.20 -7.28
C GLY D 186 2.13 14.16 -7.46
N ASP D 187 1.74 12.90 -7.66
CA ASP D 187 2.70 11.83 -7.87
C ASP D 187 3.34 11.89 -9.25
N LEU D 188 2.55 12.22 -10.28
CA LEU D 188 3.09 12.35 -11.63
C LEU D 188 4.15 13.45 -11.70
N THR D 189 3.83 14.62 -11.11
CA THR D 189 4.78 15.74 -11.07
C THR D 189 6.03 15.36 -10.30
N ALA D 190 5.84 14.73 -9.13
CA ALA D 190 7.01 14.30 -8.37
C ALA D 190 7.86 13.31 -9.17
N ALA D 191 7.23 12.36 -9.85
CA ALA D 191 7.98 11.38 -10.63
C ALA D 191 8.72 12.06 -11.78
N SER D 192 8.08 13.05 -12.40
CA SER D 192 8.72 13.82 -13.47
C SER D 192 9.98 14.51 -12.97
N PHE D 193 9.89 15.16 -11.81
CA PHE D 193 11.07 15.80 -11.27
C PHE D 193 12.17 14.79 -10.98
N GLU D 194 11.81 13.63 -10.44
CA GLU D 194 12.84 12.63 -10.24
C GLU D 194 13.47 12.21 -11.57
N ALA D 195 12.67 12.06 -12.63
CA ALA D 195 13.23 11.71 -13.93
C ALA D 195 14.23 12.76 -14.41
N LYS D 196 13.82 14.04 -14.42
CA LYS D 196 14.73 15.10 -14.83
C LYS D 196 15.97 15.14 -13.96
N ASP D 197 15.80 15.00 -12.64
CA ASP D 197 16.95 14.98 -11.73
C ASP D 197 17.94 13.90 -12.14
N ARG D 198 17.44 12.75 -12.62
CA ARG D 198 18.27 11.61 -12.96
C ARG D 198 18.67 11.61 -14.43
N GLY D 199 18.40 12.69 -15.17
CA GLY D 199 18.80 12.79 -16.55
C GLY D 199 17.97 11.97 -17.50
N ALA D 200 16.79 11.54 -17.11
CA ALA D 200 15.89 10.86 -18.02
C ALA D 200 14.76 11.81 -18.38
N ARG D 201 14.08 11.51 -19.49
CA ARG D 201 13.02 12.41 -19.93
C ARG D 201 11.71 12.16 -19.20
N THR D 202 11.46 10.93 -18.73
CA THR D 202 10.21 10.66 -18.07
C THR D 202 10.33 9.49 -17.07
N ALA D 203 9.22 9.24 -16.40
CA ALA D 203 9.11 8.22 -15.37
C ALA D 203 8.04 7.23 -15.75
N ILE D 204 8.25 5.96 -15.39
CA ILE D 204 7.21 4.95 -15.36
C ILE D 204 6.96 4.60 -13.91
N LEU D 205 5.76 4.87 -13.42
CA LEU D 205 5.42 4.63 -12.02
C LEU D 205 4.91 3.20 -11.79
N LEU D 206 5.31 2.63 -10.66
CA LEU D 206 4.75 1.38 -10.17
C LEU D 206 3.58 1.69 -9.26
N ASP D 207 2.69 0.71 -9.04
CA ASP D 207 1.63 0.85 -8.05
C ASP D 207 2.08 0.22 -6.72
N SER D 208 1.17 0.11 -5.75
CA SER D 208 1.61 -0.28 -4.42
C SER D 208 2.06 -1.74 -4.38
N ASP D 209 1.65 -2.56 -5.35
CA ASP D 209 2.10 -3.95 -5.43
C ASP D 209 3.26 -4.14 -6.39
N ASN D 210 3.92 -3.06 -6.79
CA ASN D 210 5.03 -3.13 -7.75
C ASN D 210 4.57 -3.61 -9.13
N CYS D 211 3.30 -3.40 -9.46
CA CYS D 211 2.84 -3.57 -10.81
C CYS D 211 2.97 -2.24 -11.54
N VAL D 212 3.23 -2.31 -12.85
CA VAL D 212 3.28 -1.09 -13.63
C VAL D 212 1.94 -0.38 -13.56
N ALA D 213 1.99 0.94 -13.39
CA ALA D 213 0.80 1.75 -13.41
C ALA D 213 0.79 2.52 -14.71
N GLU D 214 1.37 3.72 -14.76
CA GLU D 214 1.42 4.52 -15.97
C GLU D 214 2.50 5.59 -15.77
N GLY D 215 2.58 6.50 -16.72
CA GLY D 215 3.52 7.59 -16.60
C GLY D 215 2.81 8.90 -16.43
N PRO D 216 3.56 9.98 -16.26
CA PRO D 216 2.93 11.29 -16.15
C PRO D 216 2.23 11.67 -17.44
N GLY D 217 0.93 11.36 -17.55
CA GLY D 217 0.16 11.76 -18.72
C GLY D 217 0.08 10.73 -19.83
N PHE D 218 0.48 9.48 -19.59
CA PHE D 218 0.47 8.48 -20.66
C PHE D 218 0.35 7.08 -20.11
N ASN D 219 -0.27 6.20 -20.89
CA ASN D 219 -0.18 4.77 -20.56
C ASN D 219 1.15 4.20 -21.06
N VAL D 220 1.47 3.03 -20.54
CA VAL D 220 2.69 2.31 -20.87
C VAL D 220 2.29 0.96 -21.45
N CYS D 221 2.88 0.61 -22.58
CA CYS D 221 2.67 -0.70 -23.17
C CYS D 221 4.00 -1.43 -23.17
N ILE D 222 3.96 -2.71 -22.84
CA ILE D 222 5.14 -3.55 -22.71
C ILE D 222 5.07 -4.62 -23.78
N VAL D 223 6.12 -4.76 -24.56
CA VAL D 223 6.25 -5.79 -25.58
C VAL D 223 7.20 -6.84 -25.03
N LYS D 224 6.77 -8.09 -25.03
CA LYS D 224 7.63 -9.19 -24.62
C LYS D 224 7.27 -10.41 -25.44
N ASP D 225 8.24 -10.99 -26.13
CA ASP D 225 8.06 -12.20 -26.94
C ASP D 225 6.92 -12.04 -27.94
N GLY D 226 6.93 -10.91 -28.65
CA GLY D 226 5.94 -10.66 -29.68
C GLY D 226 4.54 -10.35 -29.19
N LYS D 227 4.32 -10.28 -27.88
CA LYS D 227 3.03 -9.95 -27.31
C LYS D 227 3.05 -8.55 -26.70
N LEU D 228 1.89 -7.93 -26.67
CA LEU D 228 1.72 -6.59 -26.14
C LEU D 228 0.87 -6.69 -24.89
N ALA D 229 1.31 -6.06 -23.82
CA ALA D 229 0.57 -6.02 -22.57
C ALA D 229 0.53 -4.60 -22.07
N SER D 230 -0.52 -4.27 -21.33
CA SER D 230 -0.66 -2.96 -20.73
C SER D 230 -1.38 -3.07 -19.39
N PRO D 231 -0.98 -2.28 -18.41
CA PRO D 231 -1.61 -2.37 -17.08
C PRO D 231 -3.11 -2.15 -17.14
N SER D 232 -3.83 -2.98 -16.40
CA SER D 232 -5.28 -2.94 -16.28
C SER D 232 -5.77 -2.21 -15.05
N ARG D 233 -5.01 -2.19 -13.95
CA ARG D 233 -5.58 -1.68 -12.70
C ARG D 233 -5.37 -0.19 -12.53
N ASN D 234 -4.17 0.22 -12.09
CA ASN D 234 -3.95 1.63 -11.74
C ASN D 234 -3.42 2.42 -12.93
N ALA D 235 -4.27 2.49 -13.97
CA ALA D 235 -3.94 3.19 -15.19
C ALA D 235 -5.22 3.73 -15.78
N LEU D 236 -5.12 4.89 -16.40
CA LEU D 236 -6.27 5.40 -17.12
C LEU D 236 -6.61 4.44 -18.26
N PRO D 237 -7.90 4.12 -18.49
CA PRO D 237 -8.27 3.42 -19.74
C PRO D 237 -8.11 4.34 -20.93
N GLY D 238 -6.90 4.41 -21.47
CA GLY D 238 -6.61 5.44 -22.45
C GLY D 238 -7.25 5.14 -23.79
N ILE D 239 -7.61 6.22 -24.48
CA ILE D 239 -8.13 6.11 -25.85
C ILE D 239 -7.00 5.81 -26.83
N THR D 240 -5.82 6.41 -26.63
CA THR D 240 -4.69 6.03 -27.47
C THR D 240 -4.32 4.58 -27.26
N ARG D 241 -4.35 4.12 -26.01
CA ARG D 241 -4.10 2.70 -25.73
C ARG D 241 -5.14 1.82 -26.40
N LYS D 242 -6.41 2.24 -26.34
CA LYS D 242 -7.46 1.51 -27.03
C LYS D 242 -7.15 1.41 -28.52
N THR D 243 -6.71 2.52 -29.13
CA THR D 243 -6.35 2.52 -30.54
C THR D 243 -5.18 1.58 -30.83
N VAL D 244 -4.14 1.62 -29.99
CA VAL D 244 -2.97 0.76 -30.18
C VAL D 244 -3.36 -0.71 -30.14
N PHE D 245 -4.28 -1.06 -29.25
CA PHE D 245 -4.72 -2.45 -29.16
C PHE D 245 -5.49 -2.86 -30.40
N GLU D 246 -6.24 -1.94 -31.01
CA GLU D 246 -6.93 -2.22 -32.27
C GLU D 246 -5.92 -2.38 -33.40
N ILE D 247 -4.93 -1.50 -33.45
CA ILE D 247 -3.85 -1.63 -34.42
C ILE D 247 -3.14 -2.96 -34.26
N ALA D 248 -2.79 -3.31 -33.01
CA ALA D 248 -2.11 -4.57 -32.75
C ALA D 248 -2.99 -5.75 -33.10
N ASP D 249 -4.28 -5.64 -32.78
CA ASP D 249 -5.19 -6.72 -33.15
C ASP D 249 -5.17 -6.94 -34.64
N GLN D 250 -5.09 -5.86 -35.43
CA GLN D 250 -5.20 -6.15 -36.86
C GLN D 250 -3.89 -6.68 -37.41
N MET D 251 -2.78 -6.32 -36.78
CA MET D 251 -1.48 -6.84 -37.17
C MET D 251 -1.30 -8.26 -36.71
N GLY D 252 -2.32 -8.85 -36.08
CA GLY D 252 -2.19 -10.20 -35.55
C GLY D 252 -1.40 -10.30 -34.26
N ILE D 253 -1.17 -9.19 -33.57
CA ILE D 253 -0.42 -9.19 -32.31
C ILE D 253 -1.39 -9.37 -31.16
N GLU D 254 -1.08 -10.31 -30.27
CA GLU D 254 -1.89 -10.52 -29.06
C GLU D 254 -1.64 -9.39 -28.06
N ALA D 255 -2.69 -8.65 -27.74
CA ALA D 255 -2.62 -7.49 -26.87
C ALA D 255 -3.54 -7.70 -25.68
N THR D 256 -3.00 -7.50 -24.47
CA THR D 256 -3.73 -7.88 -23.26
C THR D 256 -3.65 -6.81 -22.19
N LEU D 257 -4.79 -6.48 -21.61
CA LEU D 257 -4.83 -5.64 -20.43
C LEU D 257 -4.69 -6.56 -19.22
N ARG D 258 -3.61 -6.37 -18.45
CA ARG D 258 -3.35 -7.28 -17.34
C ARG D 258 -2.38 -6.64 -16.37
N ASP D 259 -2.22 -7.26 -15.21
CA ASP D 259 -1.14 -6.86 -14.31
C ASP D 259 0.19 -7.19 -14.99
N VAL D 260 1.07 -6.20 -15.04
CA VAL D 260 2.42 -6.35 -15.53
C VAL D 260 3.32 -6.06 -14.34
N THR D 261 4.10 -7.05 -13.90
CA THR D 261 4.90 -6.85 -12.71
C THR D 261 6.14 -5.99 -13.03
N SER D 262 6.79 -5.51 -11.95
CA SER D 262 8.04 -4.78 -12.14
C SER D 262 9.09 -5.67 -12.80
N HIS D 263 9.08 -6.97 -12.54
CA HIS D 263 9.97 -7.87 -13.27
C HIS D 263 9.77 -7.74 -14.78
N GLU D 264 8.53 -7.81 -15.23
CA GLU D 264 8.28 -7.78 -16.66
C GLU D 264 8.68 -6.45 -17.25
N LEU D 265 8.48 -5.36 -16.50
CA LEU D 265 8.87 -4.05 -17.00
C LEU D 265 10.36 -4.01 -17.28
N TYR D 266 11.16 -4.45 -16.32
CA TYR D 266 12.60 -4.39 -16.52
C TYR D 266 13.07 -5.40 -17.54
N ASP D 267 12.31 -6.46 -17.77
CA ASP D 267 12.68 -7.54 -18.69
C ASP D 267 12.07 -7.34 -20.08
N ALA D 268 11.51 -6.16 -20.37
CA ALA D 268 10.75 -5.96 -21.59
C ALA D 268 11.63 -5.99 -22.85
N ASP D 269 11.06 -6.50 -23.95
CA ASP D 269 11.70 -6.37 -25.26
C ASP D 269 11.54 -4.96 -25.81
N GLU D 270 10.38 -4.34 -25.59
CA GLU D 270 10.12 -2.96 -25.99
C GLU D 270 9.20 -2.30 -24.97
N LEU D 271 9.31 -0.97 -24.88
CA LEU D 271 8.43 -0.15 -24.06
C LEU D 271 7.98 1.04 -24.88
N MET D 272 6.75 1.49 -24.64
CA MET D 272 6.28 2.70 -25.29
C MET D 272 5.31 3.43 -24.38
N ALA D 273 5.26 4.74 -24.57
CA ALA D 273 4.28 5.62 -23.96
C ALA D 273 3.23 5.96 -25.02
N VAL D 274 1.97 5.93 -24.63
CA VAL D 274 0.87 6.21 -25.55
C VAL D 274 -0.08 7.21 -24.92
N THR D 275 -0.40 8.27 -25.64
CA THR D 275 -1.27 9.29 -25.09
C THR D 275 -1.76 10.16 -26.23
N THR D 276 -2.93 10.74 -26.04
CA THR D 276 -3.54 11.56 -27.10
C THR D 276 -2.58 12.64 -27.56
N ALA D 277 -1.88 13.27 -26.62
CA ALA D 277 -1.00 14.39 -26.94
C ALA D 277 0.34 13.85 -27.42
N GLY D 278 0.38 13.43 -28.67
CA GLY D 278 1.61 12.97 -29.30
C GLY D 278 1.61 11.53 -29.76
N GLY D 279 0.63 10.72 -29.37
CA GLY D 279 0.55 9.39 -29.91
C GLY D 279 1.41 8.37 -29.19
N VAL D 280 2.28 7.70 -29.96
CA VAL D 280 3.04 6.54 -29.50
C VAL D 280 4.53 6.91 -29.48
N THR D 281 5.13 6.90 -28.28
CA THR D 281 6.53 7.25 -28.10
C THR D 281 7.32 6.01 -27.71
N PRO D 282 8.31 5.59 -28.47
CA PRO D 282 9.17 4.49 -28.02
C PRO D 282 9.97 4.94 -26.83
N ILE D 283 10.20 4.02 -25.89
CA ILE D 283 11.02 4.28 -24.72
C ILE D 283 12.29 3.44 -24.87
N ASN D 284 13.42 4.10 -25.13
CA ASN D 284 14.64 3.42 -25.55
C ASN D 284 15.38 2.76 -24.39
N SER D 285 15.27 3.32 -23.19
CA SER D 285 16.02 2.80 -22.07
C SER D 285 15.24 3.01 -20.77
N LEU D 286 15.48 2.14 -19.83
CA LEU D 286 14.87 2.20 -18.52
C LEU D 286 15.99 2.18 -17.50
N ASP D 287 16.01 3.19 -16.62
CA ASP D 287 17.04 3.30 -15.60
C ASP D 287 18.43 3.25 -16.22
N GLY D 288 18.58 3.89 -17.38
CA GLY D 288 19.84 3.92 -18.09
C GLY D 288 20.21 2.66 -18.85
N GLU D 289 19.40 1.60 -18.76
CA GLU D 289 19.68 0.34 -19.45
C GLU D 289 18.91 0.30 -20.77
N ALA D 290 19.59 -0.06 -21.85
CA ALA D 290 18.91 -0.18 -23.14
C ALA D 290 17.74 -1.13 -23.05
N ILE D 291 16.62 -0.72 -23.63
CA ILE D 291 15.52 -1.64 -23.91
C ILE D 291 15.68 -2.06 -25.35
N GLY D 292 15.77 -3.36 -25.60
CA GLY D 292 16.14 -3.83 -26.93
C GLY D 292 17.55 -3.38 -27.26
N ASN D 293 17.72 -2.81 -28.44
CA ASN D 293 18.99 -2.22 -28.83
C ASN D 293 19.10 -0.74 -28.46
N GLY D 294 18.27 -0.27 -27.53
CA GLY D 294 18.33 1.11 -27.08
C GLY D 294 17.76 2.12 -28.05
N ALA D 295 17.04 1.66 -29.05
CA ALA D 295 16.39 2.48 -30.06
C ALA D 295 14.98 1.93 -30.23
N PRO D 296 14.08 2.64 -30.93
CA PRO D 296 12.71 2.16 -31.08
C PRO D 296 12.63 0.72 -31.60
N GLY D 297 11.82 -0.09 -30.91
CA GLY D 297 11.66 -1.47 -31.24
C GLY D 297 10.81 -1.65 -32.48
N PRO D 298 10.89 -2.83 -33.10
CA PRO D 298 10.14 -3.03 -34.35
C PRO D 298 8.64 -2.87 -34.17
N MET D 299 8.07 -3.46 -33.12
CA MET D 299 6.62 -3.37 -32.96
C MET D 299 6.18 -1.92 -32.70
N THR D 300 6.95 -1.17 -31.91
CA THR D 300 6.57 0.21 -31.64
C THR D 300 6.56 1.03 -32.91
N VAL D 301 7.57 0.88 -33.77
CA VAL D 301 7.58 1.62 -35.03
C VAL D 301 6.36 1.25 -35.87
N ALA D 302 6.08 -0.04 -35.99
CA ALA D 302 4.96 -0.48 -36.81
C ALA D 302 3.65 0.10 -36.28
N ILE D 303 3.43 0.02 -34.97
CA ILE D 303 2.20 0.56 -34.39
C ILE D 303 2.18 2.07 -34.52
N ARG D 304 3.29 2.74 -34.23
CA ARG D 304 3.31 4.20 -34.27
C ARG D 304 3.01 4.72 -35.67
N ASP D 305 3.60 4.11 -36.70
CA ASP D 305 3.38 4.60 -38.06
C ASP D 305 1.94 4.40 -38.49
N ARG D 306 1.38 3.22 -38.19
CA ARG D 306 -0.03 2.96 -38.48
C ARG D 306 -0.93 3.93 -37.74
N PHE D 307 -0.58 4.26 -36.51
CA PHE D 307 -1.39 5.20 -35.74
C PHE D 307 -1.44 6.56 -36.43
N TRP D 308 -0.29 7.05 -36.90
CA TRP D 308 -0.31 8.36 -37.53
C TRP D 308 -0.99 8.31 -38.90
N ALA D 309 -0.97 7.14 -39.55
CA ALA D 309 -1.73 7.00 -40.79
C ALA D 309 -3.22 7.16 -40.55
N LEU D 310 -3.70 6.75 -39.37
CA LEU D 310 -5.12 6.87 -39.07
C LEU D 310 -5.59 8.32 -39.12
N MET D 311 -4.71 9.27 -38.85
CA MET D 311 -5.15 10.67 -38.81
C MET D 311 -5.51 11.21 -40.20
N ASP D 312 -5.03 10.57 -41.27
CA ASP D 312 -5.26 11.05 -42.62
C ASP D 312 -6.16 10.15 -43.45
N GLU D 313 -6.44 8.93 -42.97
CA GLU D 313 -7.22 7.97 -43.73
C GLU D 313 -8.70 8.13 -43.39
N PRO D 314 -9.57 8.37 -44.38
CA PRO D 314 -11.00 8.49 -44.08
C PRO D 314 -11.54 7.23 -43.44
N GLY D 315 -12.38 7.43 -42.42
CA GLY D 315 -12.95 6.35 -41.66
C GLY D 315 -13.66 6.88 -40.42
N PRO D 316 -14.24 5.97 -39.63
CA PRO D 316 -15.04 6.40 -38.47
C PRO D 316 -14.21 7.04 -37.34
N LEU D 317 -12.93 6.70 -37.20
CA LEU D 317 -12.17 7.20 -36.07
C LEU D 317 -11.93 8.70 -36.18
N ILE D 318 -11.96 9.25 -37.39
CA ILE D 318 -11.66 10.67 -37.55
C ILE D 318 -12.86 11.34 -38.19
N GLU D 319 -13.02 12.62 -37.90
CA GLU D 319 -14.04 13.43 -38.54
C GLU D 319 -13.46 14.81 -38.81
N ALA D 320 -13.68 15.28 -40.03
CA ALA D 320 -13.12 16.56 -40.46
C ALA D 320 -13.81 17.72 -39.79
N ILE D 321 -13.00 18.66 -39.35
CA ILE D 321 -13.49 19.93 -38.83
C ILE D 321 -13.91 20.82 -40.00
N GLU D 322 -14.99 21.53 -39.71
CA GLU D 322 -15.82 22.35 -40.55
C GLU D 322 -15.24 23.76 -40.36
N TYR D 323 -14.23 24.19 -41.15
CA TYR D 323 -13.65 25.53 -40.87
C TYR D 323 -14.35 26.66 -41.63
#